data_6OMM
#
_entry.id   6OMM
#
_cell.length_a   1.00
_cell.length_b   1.00
_cell.length_c   1.00
_cell.angle_alpha   90.00
_cell.angle_beta   90.00
_cell.angle_gamma   90.00
#
_symmetry.space_group_name_H-M   'P 1'
#
loop_
_entity.id
_entity.type
_entity.pdbx_description
1 polymer 'N-formyl peptide receptor 2'
2 polymer 'Peptide agonist'
3 polymer 'Guanine nucleotide-binding protein G(i) subunit alpha-1'
4 polymer 'Guanine nucleotide-binding protein G(I)/G(S)/G(T) subunit beta-1'
5 polymer 'Guanine nucleotide-binding protein G(I)/G(S)/G(O) subunit gamma-2'
6 polymer scFv16
7 non-polymer CHOLESTEROL
8 non-polymer 'PALMITIC ACID'
#
loop_
_entity_poly.entity_id
_entity_poly.type
_entity_poly.pdbx_seq_one_letter_code
_entity_poly.pdbx_strand_id
1 'polypeptide(L)'
;DYKDDDDVDGSAENLYFQGASMETNFSTPLNEYEEVSYESAGYTVLRILPLVVLGVTFVLGVLGNGLVIWVAGFRMTRTV
TTICYLNLALADFSFTATLPFLIVSMAMGEKWPFGWFLCKLIHIVVDINLFGSVFLIGFIALDRCICVLHPVWAQNHRTV
SLAMKVIVGPWILALVLTLPVFLFLTTVTIPNGDTYCTFNFASWGGTPEERLKVAITMLTARGIIRFVIGFSLPMSIVAI
CYGLIAAKIHKKGMIKSSRPLRVLTAVVASFFICWFPFQLVALLGTVWLKEMLFYGKYKIIDILVNPTSSLAFFNSCLNP
MLYVFVGQDFRERLIHSLPTSLERALSEDSAPTNDTAANSASP
;
R
2 'polypeptide(L)' WKYMV(QXV) L
3 'polypeptide(L)'
;GCTLSAEDKAAVERSKMIDRNLREDGEKAAREVKLLLLGAGESGKSTIVKQMKIIHEAGYSEEECKQYKAVVYSNTIQSI
IAIIRAMGRLKIDFGDSARADDARQLFVLAGAAEEGFMTAELAGVIKRLWKDSGVQACFNRSREYQLNDSAAYYLNDLDR
IAQPNYIPTQQDVLRTRVKTTGIVETHFTFKDLHFKMFDVGAQRSERKKWIHCFEGVTAIIFCVALSDYDLVLAEDEEMN
RMHESMKLFDSICNNKWFTDTSIILFLNKKDLFEEKIKKSPLTICYPEYAGSNTYEEAAAYIQCQFEDLNKRKDTKEIYT
HFTCSTETKNVQFVFDAVTDVIIKNNLKDCGLF
;
A
4 'polypeptide(L)'
;HHHHHHHHMGSLLQSELDELRQEAEQLKNQIRDARKACADATLSQITNNIDPVGRIQMRTRRTLRGHLAKIYAMHWGTDS
RLLVSASQDGKLIIWDSYTTNKVHAIPLRSSWVMTCAYAPSGNYVACGGLDNICSIYNLKTRQGNVRVSRELAGHTGYLS
CCRFLDDNQIVTSSGDTTCALWDIETGQQTTTFTGHTGDVMSLSLAPDTRLFVSGACDASAKLWDVREGMCRQTFTGHES
DINAICFFPDGNAFATGSDDATCRLFDLRADQELMTYSHDNIICGITSVSFSKSGRLLLAGYDDFNCNVWDALKADRAGV
LAGHDNRVSCLGVTDDGMAVATGSWDSFLKIWN
;
B
5 'polypeptide(L)' ASNNTASIAQARKLVQQLKMEANIDRIKVSKAAADLMAYCEAHAKEDPLLTPVPASQNPFREKKFFC C
6 'polypeptide(L)'
;VQLVESGGGLVQPGGSRKLSCSASGFAFSSFGMHWVRQAPEKGLEWVAYISSGSGTIYYADTVKGRFTISRDDPKNTLFL
QMTSLRSEDTAMYYCVRSIYYYGSSPFDFWGQGTTLTVSSGGGGSGGGGSGGGGSSDIVMTQATSSVPVTPGESVSISCR
SSKSLLHSNGNTYLYWFLQRPGQSPQLLIYRMSNLASGVPERFSGSGSGTAFTLTISRLEAEDVGVYYCMQHLEYPLTFG
AGTKLEL
;
E
#
# COMPACT_ATOMS: atom_id res chain seq x y z
N GLY A 42 24.01 4.04 -56.30
CA GLY A 42 25.01 4.51 -55.36
C GLY A 42 24.57 5.71 -54.56
N TYR A 43 24.34 6.83 -55.27
CA TYR A 43 23.87 8.03 -54.62
C TYR A 43 22.40 7.92 -54.24
N THR A 44 21.58 7.34 -55.13
CA THR A 44 20.14 7.23 -54.88
C THR A 44 19.84 6.26 -53.74
N VAL A 45 20.59 5.16 -53.63
CA VAL A 45 20.35 4.24 -52.51
C VAL A 45 20.85 4.86 -51.21
N LEU A 46 21.86 5.74 -51.27
CA LEU A 46 22.27 6.48 -50.09
C LEU A 46 21.21 7.50 -49.67
N ARG A 47 20.51 8.08 -50.65
CA ARG A 47 19.42 8.99 -50.33
C ARG A 47 18.20 8.25 -49.77
N ILE A 48 17.96 7.01 -50.21
CA ILE A 48 16.75 6.29 -49.85
C ILE A 48 16.93 5.42 -48.60
N LEU A 49 18.17 5.09 -48.23
CA LEU A 49 18.43 4.30 -47.03
C LEU A 49 17.99 4.93 -45.69
N PRO A 50 18.11 6.26 -45.44
CA PRO A 50 17.48 6.81 -44.23
C PRO A 50 15.99 6.58 -44.13
N LEU A 51 15.26 6.69 -45.25
CA LEU A 51 13.83 6.42 -45.23
C LEU A 51 13.54 4.96 -44.92
N VAL A 52 14.35 4.05 -45.47
CA VAL A 52 14.16 2.62 -45.28
C VAL A 52 14.39 2.21 -43.83
N VAL A 53 15.48 2.70 -43.22
CA VAL A 53 15.75 2.28 -41.85
C VAL A 53 14.98 3.14 -40.85
N LEU A 54 14.51 4.33 -41.25
CA LEU A 54 13.74 5.15 -40.33
C LEU A 54 12.26 4.75 -40.30
N GLY A 55 11.76 4.12 -41.37
CA GLY A 55 10.43 3.53 -41.30
C GLY A 55 10.35 2.39 -40.31
N VAL A 56 11.35 1.50 -40.32
CA VAL A 56 11.34 0.40 -39.35
C VAL A 56 11.73 0.91 -37.97
N THR A 57 12.48 2.02 -37.90
CA THR A 57 12.68 2.73 -36.63
C THR A 57 11.35 3.19 -36.04
N PHE A 58 10.49 3.77 -36.87
CA PHE A 58 9.16 4.20 -36.43
C PHE A 58 8.29 3.02 -36.00
N VAL A 59 8.26 1.95 -36.81
CA VAL A 59 7.38 0.82 -36.55
C VAL A 59 7.80 0.08 -35.29
N LEU A 60 9.10 -0.10 -35.08
CA LEU A 60 9.54 -0.77 -33.86
C LEU A 60 9.48 0.18 -32.66
N GLY A 61 9.64 1.48 -32.90
CA GLY A 61 9.63 2.43 -31.80
C GLY A 61 8.26 2.62 -31.19
N VAL A 62 7.21 2.66 -32.02
CA VAL A 62 5.84 2.78 -31.50
C VAL A 62 5.49 1.58 -30.62
N LEU A 63 5.79 0.37 -31.11
CA LEU A 63 5.48 -0.85 -30.36
C LEU A 63 6.28 -0.92 -29.07
N GLY A 64 7.60 -0.70 -29.16
CA GLY A 64 8.45 -0.78 -27.97
C GLY A 64 8.13 0.28 -26.94
N ASN A 65 7.94 1.53 -27.39
CA ASN A 65 7.68 2.63 -26.47
C ASN A 65 6.30 2.53 -25.84
N GLY A 66 5.28 2.14 -26.62
CA GLY A 66 3.96 1.95 -26.03
C GLY A 66 3.92 0.79 -25.06
N LEU A 67 4.71 -0.27 -25.34
CA LEU A 67 4.71 -1.41 -24.44
C LEU A 67 5.47 -1.09 -23.16
N VAL A 68 6.56 -0.33 -23.26
CA VAL A 68 7.33 0.01 -22.07
C VAL A 68 6.74 1.20 -21.32
N ILE A 69 5.80 1.92 -21.93
CA ILE A 69 5.09 2.97 -21.20
C ILE A 69 3.78 2.44 -20.62
N TRP A 70 3.31 1.28 -21.09
CA TRP A 70 2.16 0.66 -20.45
C TRP A 70 2.55 -0.29 -19.33
N VAL A 71 3.52 -1.18 -19.58
CA VAL A 71 3.83 -2.23 -18.60
C VAL A 71 4.68 -1.66 -17.46
N ALA A 72 5.53 -0.68 -17.74
CA ALA A 72 6.33 -0.03 -16.71
C ALA A 72 5.74 1.30 -16.29
N GLY A 73 4.61 1.69 -16.87
CA GLY A 73 3.95 2.92 -16.50
C GLY A 73 2.80 2.69 -15.53
N PHE A 74 1.94 1.73 -15.85
CA PHE A 74 0.74 1.48 -15.05
C PHE A 74 0.74 0.15 -14.31
N ARG A 75 1.38 -0.87 -14.86
CA ARG A 75 1.33 -2.20 -14.24
C ARG A 75 2.30 -2.33 -13.07
N MET A 76 3.51 -1.79 -13.21
CA MET A 76 4.52 -1.92 -12.18
C MET A 76 4.42 -0.80 -11.15
N THR A 77 4.86 -1.10 -9.93
CA THR A 77 4.90 -0.10 -8.88
C THR A 77 6.06 0.89 -9.12
N ARG A 78 5.84 2.13 -8.72
CA ARG A 78 6.75 3.23 -9.04
C ARG A 78 7.96 3.21 -8.12
N THR A 79 9.01 2.52 -8.55
CA THR A 79 10.33 2.63 -7.96
C THR A 79 11.13 3.68 -8.74
N VAL A 80 12.43 3.77 -8.46
CA VAL A 80 13.26 4.78 -9.11
C VAL A 80 13.75 4.32 -10.48
N THR A 81 14.13 3.05 -10.58
CA THR A 81 14.58 2.49 -11.85
C THR A 81 13.46 2.49 -12.88
N THR A 82 12.25 2.12 -12.46
CA THR A 82 11.15 2.11 -13.41
C THR A 82 10.60 3.50 -13.69
N ILE A 83 10.81 4.48 -12.80
CA ILE A 83 10.38 5.84 -13.17
C ILE A 83 11.38 6.45 -14.14
N CYS A 84 12.67 6.08 -14.05
CA CYS A 84 13.63 6.52 -15.07
C CYS A 84 13.35 5.85 -16.41
N TYR A 85 12.96 4.58 -16.37
CA TYR A 85 12.55 3.89 -17.60
C TYR A 85 11.27 4.48 -18.17
N LEU A 86 10.31 4.86 -17.31
CA LEU A 86 9.08 5.48 -17.74
C LEU A 86 9.33 6.85 -18.35
N ASN A 87 10.25 7.62 -17.79
CA ASN A 87 10.47 8.95 -18.33
C ASN A 87 11.30 8.89 -19.61
N LEU A 88 12.19 7.90 -19.75
CA LEU A 88 12.81 7.70 -21.06
C LEU A 88 11.81 7.18 -22.07
N ALA A 89 10.80 6.44 -21.62
CA ALA A 89 9.70 6.04 -22.50
C ALA A 89 8.87 7.24 -22.92
N LEU A 90 8.69 8.22 -22.03
CA LEU A 90 7.96 9.43 -22.39
C LEU A 90 8.79 10.30 -23.33
N ALA A 91 10.11 10.28 -23.18
CA ALA A 91 10.98 11.00 -24.11
C ALA A 91 11.03 10.33 -25.47
N ASP A 92 10.83 9.01 -25.51
CA ASP A 92 11.03 8.24 -26.73
C ASP A 92 9.72 7.97 -27.48
N PHE A 93 8.58 7.97 -26.79
CA PHE A 93 7.31 7.70 -27.44
C PHE A 93 6.80 8.93 -28.16
N SER A 94 6.90 10.11 -27.52
CA SER A 94 6.57 11.35 -28.21
C SER A 94 7.59 11.67 -29.30
N PHE A 95 8.81 11.14 -29.20
CA PHE A 95 9.75 11.20 -30.32
C PHE A 95 9.29 10.35 -31.50
N THR A 96 8.82 9.13 -31.22
CA THR A 96 8.40 8.27 -32.32
C THR A 96 7.07 8.72 -32.89
N ALA A 97 6.25 9.41 -32.08
CA ALA A 97 4.98 9.95 -32.56
C ALA A 97 5.18 11.13 -33.51
N THR A 98 6.24 11.93 -33.32
CA THR A 98 6.49 13.08 -34.16
C THR A 98 7.36 12.76 -35.36
N LEU A 99 7.64 11.48 -35.58
CA LEU A 99 8.51 10.94 -36.61
C LEU A 99 7.89 10.80 -38.02
N PRO A 100 6.60 10.42 -38.20
CA PRO A 100 6.06 10.43 -39.59
C PRO A 100 6.09 11.78 -40.28
N PHE A 101 5.96 12.89 -39.55
CA PHE A 101 6.08 14.20 -40.16
C PHE A 101 7.48 14.40 -40.71
N LEU A 102 8.49 13.95 -39.96
CA LEU A 102 9.87 14.10 -40.38
C LEU A 102 10.20 13.16 -41.55
N ILE A 103 9.62 11.95 -41.56
CA ILE A 103 9.91 11.06 -42.69
C ILE A 103 9.18 11.53 -43.95
N VAL A 104 8.03 12.20 -43.82
CA VAL A 104 7.39 12.80 -44.99
C VAL A 104 8.21 13.97 -45.52
N SER A 105 8.76 14.79 -44.60
CA SER A 105 9.62 15.91 -45.00
C SER A 105 10.89 15.41 -45.68
N MET A 106 11.54 14.39 -45.11
CA MET A 106 12.76 13.84 -45.68
C MET A 106 12.49 13.16 -47.02
N ALA A 107 11.38 12.43 -47.14
CA ALA A 107 11.06 11.71 -48.37
C ALA A 107 10.76 12.67 -49.52
N MET A 108 10.04 13.76 -49.25
CA MET A 108 9.70 14.70 -50.31
C MET A 108 10.93 15.39 -50.90
N GLY A 109 11.94 15.68 -50.07
CA GLY A 109 13.08 16.41 -50.58
C GLY A 109 13.31 17.72 -49.87
N GLU A 110 13.13 17.71 -48.54
CA GLU A 110 13.19 18.88 -47.66
C GLU A 110 12.10 19.88 -48.06
N LYS A 111 10.90 19.34 -48.30
CA LYS A 111 9.72 20.15 -48.55
C LYS A 111 8.70 19.84 -47.46
N TRP A 112 8.24 20.89 -46.76
CA TRP A 112 7.38 20.70 -45.61
C TRP A 112 5.94 21.04 -45.98
N PRO A 113 5.07 20.05 -46.17
CA PRO A 113 3.68 20.35 -46.54
C PRO A 113 2.86 20.96 -45.43
N PHE A 114 3.15 20.60 -44.18
CA PHE A 114 2.35 21.00 -43.02
C PHE A 114 2.50 22.50 -42.73
N GLY A 115 1.73 22.98 -41.77
CA GLY A 115 1.55 24.41 -41.58
C GLY A 115 2.76 25.09 -40.94
N TRP A 116 2.66 26.43 -40.86
CA TRP A 116 3.74 27.25 -40.31
C TRP A 116 3.97 26.98 -38.84
N PHE A 117 2.90 26.90 -38.06
CA PHE A 117 3.05 26.64 -36.62
C PHE A 117 3.42 25.19 -36.37
N LEU A 118 2.92 24.28 -37.21
CA LEU A 118 3.18 22.87 -37.01
C LEU A 118 4.64 22.51 -37.27
N CYS A 119 5.33 23.22 -38.19
CA CYS A 119 6.76 22.98 -38.41
C CYS A 119 7.57 23.31 -37.17
N LYS A 120 7.28 24.47 -36.57
CA LYS A 120 7.96 24.87 -35.35
C LYS A 120 7.62 23.93 -34.19
N LEU A 121 6.37 23.45 -34.14
CA LEU A 121 5.96 22.55 -33.07
C LEU A 121 6.65 21.19 -33.21
N ILE A 122 6.69 20.62 -34.41
CA ILE A 122 7.32 19.32 -34.63
C ILE A 122 8.82 19.40 -34.37
N HIS A 123 9.46 20.50 -34.76
CA HIS A 123 10.90 20.61 -34.52
C HIS A 123 11.24 20.85 -33.05
N ILE A 124 10.41 21.62 -32.33
CA ILE A 124 10.72 21.79 -30.90
C ILE A 124 10.40 20.50 -30.14
N VAL A 125 9.41 19.73 -30.60
CA VAL A 125 9.07 18.48 -29.93
C VAL A 125 10.17 17.45 -30.17
N VAL A 126 10.69 17.35 -31.39
CA VAL A 126 11.75 16.38 -31.64
C VAL A 126 13.06 16.81 -30.97
N ASP A 127 13.30 18.12 -30.82
CA ASP A 127 14.53 18.54 -30.15
C ASP A 127 14.45 18.36 -28.63
N ILE A 128 13.28 18.67 -28.03
CA ILE A 128 13.05 18.38 -26.62
C ILE A 128 13.16 16.89 -26.35
N ASN A 129 12.63 16.06 -27.26
CA ASN A 129 12.66 14.62 -27.05
C ASN A 129 14.06 14.04 -27.22
N LEU A 130 14.85 14.56 -28.16
CA LEU A 130 16.21 14.03 -28.33
C LEU A 130 17.12 14.45 -27.18
N PHE A 131 17.04 15.72 -26.76
CA PHE A 131 17.83 16.15 -25.60
C PHE A 131 17.38 15.44 -24.33
N GLY A 132 16.06 15.27 -24.14
CA GLY A 132 15.55 14.50 -23.02
C GLY A 132 16.00 13.05 -23.03
N SER A 133 15.95 12.41 -24.21
CA SER A 133 16.36 11.01 -24.33
C SER A 133 17.83 10.83 -24.00
N VAL A 134 18.69 11.72 -24.50
CA VAL A 134 20.13 11.58 -24.23
C VAL A 134 20.44 11.92 -22.77
N PHE A 135 19.76 12.94 -22.21
CA PHE A 135 19.99 13.29 -20.81
C PHE A 135 19.45 12.22 -19.86
N LEU A 136 18.39 11.50 -20.27
CA LEU A 136 17.91 10.41 -19.42
C LEU A 136 18.74 9.15 -19.60
N ILE A 137 19.41 8.97 -20.74
CA ILE A 137 20.41 7.91 -20.85
C ILE A 137 21.59 8.19 -19.93
N GLY A 138 22.03 9.46 -19.90
CA GLY A 138 23.05 9.85 -18.94
C GLY A 138 22.61 9.72 -17.49
N PHE A 139 21.33 10.01 -17.21
CA PHE A 139 20.85 9.93 -15.84
C PHE A 139 20.67 8.48 -15.38
N ILE A 140 20.19 7.60 -16.28
CA ILE A 140 20.14 6.16 -15.98
C ILE A 140 21.54 5.63 -15.68
N ALA A 141 22.52 6.00 -16.52
CA ALA A 141 23.89 5.52 -16.30
C ALA A 141 24.47 6.04 -14.99
N LEU A 142 24.20 7.30 -14.65
CA LEU A 142 24.70 7.85 -13.38
C LEU A 142 23.94 7.28 -12.19
N ASP A 143 22.66 6.94 -12.37
CA ASP A 143 21.87 6.29 -11.33
C ASP A 143 22.42 4.90 -11.02
N ARG A 144 22.73 4.13 -12.07
CA ARG A 144 23.31 2.81 -11.87
C ARG A 144 24.71 2.91 -11.29
N CYS A 145 25.45 3.96 -11.64
CA CYS A 145 26.76 4.21 -11.06
C CYS A 145 26.68 4.45 -9.55
N ILE A 146 25.69 5.24 -9.13
CA ILE A 146 25.49 5.47 -7.69
C ILE A 146 25.00 4.19 -7.01
N CYS A 147 24.14 3.42 -7.68
CA CYS A 147 23.63 2.17 -7.11
C CYS A 147 24.73 1.13 -6.90
N VAL A 148 25.72 1.09 -7.79
CA VAL A 148 26.72 0.03 -7.69
C VAL A 148 27.95 0.47 -6.90
N LEU A 149 28.43 1.70 -7.08
CA LEU A 149 29.65 2.11 -6.40
C LEU A 149 29.42 2.40 -4.93
N HIS A 150 28.48 3.29 -4.62
CA HIS A 150 28.19 3.68 -3.24
C HIS A 150 26.75 3.33 -2.93
N PRO A 151 26.45 2.06 -2.63
CA PRO A 151 25.06 1.65 -2.44
C PRO A 151 24.45 2.07 -1.11
N VAL A 152 25.26 2.51 -0.15
CA VAL A 152 24.74 3.01 1.12
C VAL A 152 23.93 4.28 0.90
N TRP A 153 24.48 5.22 0.14
CA TRP A 153 23.74 6.43 -0.23
C TRP A 153 22.57 6.08 -1.13
N ALA A 154 22.77 5.11 -2.03
CA ALA A 154 21.72 4.70 -2.97
C ALA A 154 20.62 3.89 -2.32
N GLN A 155 20.77 3.51 -1.05
CA GLN A 155 19.63 3.00 -0.30
C GLN A 155 19.04 4.06 0.61
N ASN A 156 19.88 4.86 1.27
CA ASN A 156 19.39 5.86 2.21
C ASN A 156 18.65 6.99 1.51
N HIS A 157 19.36 7.75 0.66
CA HIS A 157 18.80 8.97 0.11
C HIS A 157 18.09 8.77 -1.23
N ARG A 158 18.37 7.69 -1.94
CA ARG A 158 17.73 7.43 -3.23
C ARG A 158 16.33 6.90 -2.98
N THR A 159 15.35 7.79 -3.13
CA THR A 159 13.94 7.47 -2.94
C THR A 159 13.15 7.94 -4.16
N VAL A 160 11.87 7.59 -4.17
CA VAL A 160 11.03 7.89 -5.33
C VAL A 160 10.64 9.38 -5.34
N SER A 161 10.52 9.99 -4.16
CA SER A 161 10.29 11.44 -4.09
C SER A 161 11.48 12.22 -4.63
N LEU A 162 12.70 11.76 -4.36
CA LEU A 162 13.88 12.42 -4.91
C LEU A 162 13.96 12.18 -6.42
N ALA A 163 13.48 11.03 -6.89
CA ALA A 163 13.40 10.80 -8.33
C ALA A 163 12.41 11.77 -8.98
N MET A 164 11.25 11.98 -8.34
CA MET A 164 10.28 12.97 -8.81
C MET A 164 10.87 14.37 -8.85
N LYS A 165 11.64 14.75 -7.82
CA LYS A 165 12.20 16.10 -7.78
C LYS A 165 13.31 16.28 -8.82
N VAL A 166 14.18 15.29 -8.98
CA VAL A 166 15.38 15.46 -9.80
C VAL A 166 15.09 15.19 -11.28
N ILE A 167 14.13 14.33 -11.61
CA ILE A 167 13.92 13.91 -13.00
C ILE A 167 13.31 15.00 -13.88
N VAL A 168 12.79 16.08 -13.27
CA VAL A 168 12.31 17.22 -14.04
C VAL A 168 13.50 18.03 -14.57
N GLY A 169 14.64 17.96 -13.87
CA GLY A 169 15.88 18.62 -14.22
C GLY A 169 16.39 18.44 -15.64
N PRO A 170 16.59 17.19 -16.09
CA PRO A 170 16.88 16.96 -17.52
C PRO A 170 15.85 17.54 -18.49
N TRP A 171 14.58 17.57 -18.12
CA TRP A 171 13.58 18.14 -19.02
C TRP A 171 13.64 19.66 -19.05
N ILE A 172 13.88 20.30 -17.91
CA ILE A 172 14.09 21.75 -17.88
C ILE A 172 15.34 22.13 -18.68
N LEU A 173 16.38 21.31 -18.57
CA LEU A 173 17.60 21.54 -19.35
C LEU A 173 17.36 21.32 -20.84
N ALA A 174 16.49 20.37 -21.20
CA ALA A 174 16.11 20.20 -22.59
C ALA A 174 15.25 21.35 -23.10
N LEU A 175 14.42 21.93 -22.23
CA LEU A 175 13.66 23.13 -22.59
C LEU A 175 14.58 24.32 -22.83
N VAL A 176 15.59 24.49 -21.98
CA VAL A 176 16.54 25.59 -22.18
C VAL A 176 17.41 25.31 -23.40
N LEU A 177 17.69 24.05 -23.70
CA LEU A 177 18.43 23.70 -24.90
C LEU A 177 17.58 23.77 -26.15
N THR A 178 16.26 23.83 -26.02
CA THR A 178 15.36 24.10 -27.12
C THR A 178 15.25 25.61 -27.42
N LEU A 179 16.15 26.41 -26.84
CA LEU A 179 16.13 27.85 -27.06
C LEU A 179 16.40 28.20 -28.51
N PRO A 180 17.47 27.71 -29.19
CA PRO A 180 17.66 28.15 -30.59
C PRO A 180 16.46 27.84 -31.47
N VAL A 181 15.85 26.67 -31.27
CA VAL A 181 14.69 26.22 -32.05
C VAL A 181 13.39 27.02 -31.90
N PHE A 182 13.04 27.51 -30.69
CA PHE A 182 11.68 28.07 -30.51
C PHE A 182 11.42 29.33 -31.34
N LEU A 183 12.34 30.30 -31.30
CA LEU A 183 12.11 31.60 -31.91
C LEU A 183 12.83 31.80 -33.26
N PHE A 184 14.01 31.17 -33.50
CA PHE A 184 14.76 31.33 -34.76
C PHE A 184 14.14 30.56 -35.93
N LEU A 185 13.67 29.34 -35.69
CA LEU A 185 13.19 28.47 -36.75
C LEU A 185 11.87 29.01 -37.30
N THR A 186 11.83 29.25 -38.61
CA THR A 186 10.64 29.79 -39.26
C THR A 186 10.57 29.22 -40.67
N THR A 187 9.36 28.87 -41.12
CA THR A 187 9.17 28.36 -42.46
C THR A 187 9.43 29.46 -43.49
N VAL A 188 10.24 29.14 -44.49
CA VAL A 188 10.65 30.10 -45.53
C VAL A 188 9.84 29.81 -46.78
N THR A 189 9.28 30.87 -47.37
CA THR A 189 8.53 30.78 -48.61
C THR A 189 9.46 31.11 -49.77
N ILE A 190 9.50 30.23 -50.76
CA ILE A 190 10.34 30.38 -51.94
C ILE A 190 9.44 30.76 -53.12
N PRO A 191 9.78 31.79 -53.90
CA PRO A 191 8.94 32.15 -55.05
C PRO A 191 8.91 31.12 -56.16
N ASN A 192 9.87 30.18 -56.19
CA ASN A 192 9.80 29.08 -57.14
C ASN A 192 8.61 28.17 -56.87
N GLY A 193 8.20 28.04 -55.61
CA GLY A 193 7.07 27.21 -55.25
C GLY A 193 7.41 26.25 -54.13
N ASP A 194 8.66 26.25 -53.71
CA ASP A 194 9.15 25.33 -52.69
C ASP A 194 8.87 25.88 -51.29
N THR A 195 8.82 24.96 -50.32
CA THR A 195 8.53 25.28 -48.93
C THR A 195 9.61 24.68 -48.03
N TYR A 196 10.69 25.44 -47.82
CA TYR A 196 11.77 25.03 -46.94
C TYR A 196 11.54 25.62 -45.56
N CYS A 197 11.69 24.81 -44.52
CA CYS A 197 11.49 25.25 -43.14
C CYS A 197 12.77 25.00 -42.35
N THR A 198 13.73 25.91 -42.45
CA THR A 198 14.99 25.76 -41.73
C THR A 198 15.28 26.88 -40.73
N PHE A 199 15.47 28.12 -41.18
CA PHE A 199 15.80 29.25 -40.32
C PHE A 199 15.39 30.53 -41.03
N ASN A 200 15.23 31.59 -40.24
CA ASN A 200 14.96 32.91 -40.78
C ASN A 200 15.51 33.95 -39.81
N PHE A 201 16.34 34.86 -40.33
CA PHE A 201 16.94 35.92 -39.54
C PHE A 201 16.49 37.31 -39.97
N ALA A 202 15.67 37.41 -41.02
CA ALA A 202 15.29 38.70 -41.59
C ALA A 202 14.50 39.55 -40.61
N SER A 203 13.65 38.91 -39.80
CA SER A 203 12.89 39.64 -38.78
C SER A 203 13.81 40.15 -37.68
N TRP A 204 14.77 39.34 -37.26
CA TRP A 204 15.62 39.70 -36.12
C TRP A 204 16.63 40.79 -36.48
N GLY A 205 17.40 40.57 -37.54
CA GLY A 205 18.51 41.45 -37.85
C GLY A 205 18.31 42.41 -38.98
N GLY A 206 17.14 42.39 -39.63
CA GLY A 206 16.86 43.30 -40.72
C GLY A 206 17.68 43.08 -41.97
N THR A 207 18.65 43.97 -42.20
CA THR A 207 19.50 43.91 -43.38
C THR A 207 20.34 42.64 -43.38
N PRO A 208 20.48 41.97 -44.54
CA PRO A 208 21.24 40.70 -44.60
C PRO A 208 22.69 40.78 -44.14
N GLU A 209 23.38 41.88 -44.44
CA GLU A 209 24.79 42.02 -44.07
C GLU A 209 24.97 42.10 -42.56
N GLU A 210 24.06 42.78 -41.87
CA GLU A 210 24.17 42.90 -40.42
C GLU A 210 23.79 41.59 -39.73
N ARG A 211 22.75 40.92 -40.22
CA ARG A 211 22.27 39.69 -39.59
C ARG A 211 23.08 38.46 -39.97
N LEU A 212 23.95 38.57 -40.98
CA LEU A 212 24.83 37.46 -41.31
C LEU A 212 25.81 37.16 -40.18
N LYS A 213 26.23 38.19 -39.45
CA LYS A 213 27.14 38.01 -38.32
C LYS A 213 26.45 37.27 -37.18
N VAL A 214 25.21 37.64 -36.85
CA VAL A 214 24.51 36.95 -35.77
C VAL A 214 24.05 35.58 -36.23
N ALA A 215 23.88 35.36 -37.54
CA ALA A 215 23.58 34.03 -38.04
C ALA A 215 24.78 33.09 -37.89
N ILE A 216 25.97 33.55 -38.32
CA ILE A 216 27.15 32.70 -38.18
C ILE A 216 27.60 32.59 -36.73
N THR A 217 27.15 33.50 -35.86
CA THR A 217 27.40 33.33 -34.43
C THR A 217 26.44 32.32 -33.81
N MET A 218 25.15 32.42 -34.16
CA MET A 218 24.14 31.57 -33.53
C MET A 218 24.27 30.12 -33.99
N LEU A 219 24.62 29.89 -35.26
CA LEU A 219 24.74 28.51 -35.73
C LEU A 219 25.98 27.83 -35.15
N THR A 220 27.09 28.55 -34.98
CA THR A 220 28.23 27.91 -34.35
C THR A 220 28.03 27.76 -32.84
N ALA A 221 27.23 28.64 -32.22
CA ALA A 221 26.86 28.43 -30.83
C ALA A 221 25.90 27.26 -30.70
N ARG A 222 25.05 27.06 -31.71
CA ARG A 222 24.18 25.89 -31.76
C ARG A 222 24.99 24.61 -31.88
N GLY A 223 26.04 24.62 -32.72
CA GLY A 223 26.92 23.46 -32.82
C GLY A 223 27.67 23.16 -31.53
N ILE A 224 28.22 24.20 -30.89
CA ILE A 224 29.00 24.01 -29.67
C ILE A 224 28.11 23.54 -28.52
N ILE A 225 26.94 24.17 -28.34
CA ILE A 225 26.04 23.76 -27.26
C ILE A 225 25.25 22.52 -27.66
N ARG A 226 25.30 22.10 -28.93
CA ARG A 226 24.87 20.77 -29.30
C ARG A 226 25.86 19.73 -28.79
N PHE A 227 27.13 19.87 -29.20
CA PHE A 227 28.13 18.84 -28.90
C PHE A 227 28.46 18.78 -27.41
N VAL A 228 28.94 19.90 -26.84
CA VAL A 228 29.55 19.95 -25.51
C VAL A 228 28.61 19.40 -24.42
N ILE A 229 27.31 19.65 -24.54
CA ILE A 229 26.37 19.17 -23.54
C ILE A 229 25.52 17.99 -24.04
N GLY A 230 25.42 17.77 -25.35
CA GLY A 230 24.58 16.72 -25.86
C GLY A 230 25.29 15.41 -26.15
N PHE A 231 26.57 15.48 -26.45
CA PHE A 231 27.32 14.25 -26.69
C PHE A 231 28.62 14.20 -25.90
N SER A 232 29.30 15.33 -25.73
CA SER A 232 30.55 15.34 -24.98
C SER A 232 30.34 15.00 -23.52
N LEU A 233 29.28 15.52 -22.91
CA LEU A 233 28.97 15.20 -21.53
C LEU A 233 28.30 13.83 -21.38
N PRO A 234 27.16 13.50 -22.04
CA PRO A 234 26.50 12.22 -21.71
C PRO A 234 27.23 10.98 -22.18
N MET A 235 27.94 11.00 -23.31
CA MET A 235 28.70 9.81 -23.71
C MET A 235 29.88 9.58 -22.78
N SER A 236 30.52 10.65 -22.32
CA SER A 236 31.59 10.50 -21.32
C SER A 236 31.03 9.99 -20.01
N ILE A 237 29.84 10.45 -19.60
CA ILE A 237 29.22 9.97 -18.37
C ILE A 237 28.85 8.50 -18.47
N VAL A 238 28.24 8.09 -19.60
CA VAL A 238 27.87 6.69 -19.79
C VAL A 238 29.12 5.80 -19.82
N ALA A 239 30.19 6.30 -20.45
CA ALA A 239 31.44 5.55 -20.54
C ALA A 239 32.09 5.37 -19.17
N ILE A 240 32.29 6.46 -18.42
CA ILE A 240 33.01 6.33 -17.16
C ILE A 240 32.15 5.64 -16.10
N CYS A 241 30.82 5.86 -16.13
CA CYS A 241 29.95 5.22 -15.15
C CYS A 241 29.85 3.72 -15.39
N TYR A 242 29.71 3.29 -16.65
CA TYR A 242 29.64 1.86 -16.88
C TYR A 242 31.00 1.20 -16.77
N GLY A 243 32.08 1.94 -17.03
CA GLY A 243 33.41 1.44 -16.72
C GLY A 243 33.62 1.23 -15.23
N LEU A 244 33.14 2.16 -14.41
CA LEU A 244 33.30 2.04 -12.97
C LEU A 244 32.45 0.92 -12.41
N ILE A 245 31.23 0.74 -12.92
CA ILE A 245 30.44 -0.37 -12.38
C ILE A 245 30.95 -1.71 -12.88
N ALA A 246 31.52 -1.76 -14.09
CA ALA A 246 32.11 -3.02 -14.56
C ALA A 246 33.38 -3.36 -13.80
N ALA A 247 34.18 -2.34 -13.46
CA ALA A 247 35.34 -2.56 -12.61
C ALA A 247 34.94 -2.97 -11.20
N LYS A 248 33.83 -2.42 -10.69
CA LYS A 248 33.33 -2.79 -9.37
C LYS A 248 32.87 -4.24 -9.34
N ILE A 249 32.06 -4.66 -10.32
CA ILE A 249 31.56 -6.02 -10.32
C ILE A 249 32.64 -7.02 -10.72
N HIS A 250 33.71 -6.57 -11.37
CA HIS A 250 34.85 -7.45 -11.59
C HIS A 250 35.70 -7.59 -10.32
N LYS A 251 35.88 -6.50 -9.58
CA LYS A 251 36.67 -6.56 -8.34
C LYS A 251 35.95 -7.38 -7.27
N LYS A 252 34.63 -7.26 -7.20
CA LYS A 252 33.86 -8.09 -6.28
C LYS A 252 33.81 -9.53 -6.75
N GLY A 253 33.92 -9.77 -8.05
CA GLY A 253 33.86 -11.11 -8.57
C GLY A 253 32.46 -11.66 -8.70
N MET A 254 31.47 -10.79 -8.86
CA MET A 254 30.08 -11.22 -8.98
C MET A 254 29.75 -11.73 -10.37
N ILE A 255 30.61 -11.51 -11.35
CA ILE A 255 30.34 -11.93 -12.73
C ILE A 255 30.66 -13.40 -12.92
N LYS A 256 29.68 -14.26 -12.65
CA LYS A 256 29.81 -15.68 -12.90
C LYS A 256 29.23 -16.08 -14.25
N SER A 257 28.47 -15.18 -14.89
CA SER A 257 27.95 -15.39 -16.23
C SER A 257 28.37 -14.21 -17.11
N SER A 258 28.22 -14.39 -18.42
CA SER A 258 28.64 -13.36 -19.37
C SER A 258 27.61 -12.25 -19.54
N ARG A 259 26.39 -12.44 -19.03
CA ARG A 259 25.28 -11.52 -19.28
C ARG A 259 25.50 -10.07 -18.83
N PRO A 260 26.02 -9.76 -17.61
CA PRO A 260 26.26 -8.34 -17.30
C PRO A 260 27.28 -7.67 -18.20
N LEU A 261 28.36 -8.39 -18.55
CA LEU A 261 29.37 -7.81 -19.45
C LEU A 261 28.80 -7.60 -20.85
N ARG A 262 27.94 -8.51 -21.32
CA ARG A 262 27.35 -8.38 -22.65
C ARG A 262 26.38 -7.20 -22.70
N VAL A 263 25.52 -7.05 -21.68
CA VAL A 263 24.56 -5.95 -21.71
C VAL A 263 25.26 -4.61 -21.48
N LEU A 264 26.24 -4.57 -20.57
CA LEU A 264 26.99 -3.34 -20.30
C LEU A 264 27.83 -2.93 -21.51
N THR A 265 28.35 -3.89 -22.28
CA THR A 265 29.04 -3.55 -23.50
C THR A 265 28.06 -3.09 -24.58
N ALA A 266 26.88 -3.72 -24.64
CA ALA A 266 25.91 -3.41 -25.69
C ALA A 266 25.29 -2.02 -25.51
N VAL A 267 25.20 -1.53 -24.27
CA VAL A 267 24.65 -0.19 -24.07
C VAL A 267 25.61 0.88 -24.60
N VAL A 268 26.91 0.71 -24.32
CA VAL A 268 27.88 1.68 -24.80
C VAL A 268 28.12 1.52 -26.30
N ALA A 269 28.07 0.28 -26.81
CA ALA A 269 28.20 0.03 -28.24
C ALA A 269 26.91 0.24 -29.01
N SER A 270 25.84 0.67 -28.34
CA SER A 270 24.67 1.21 -29.01
C SER A 270 24.55 2.72 -28.90
N PHE A 271 25.07 3.31 -27.81
CA PHE A 271 25.04 4.75 -27.68
C PHE A 271 26.21 5.44 -28.37
N PHE A 272 27.29 4.71 -28.66
CA PHE A 272 28.44 5.28 -29.34
C PHE A 272 28.44 5.02 -30.84
N ILE A 273 27.86 3.90 -31.30
CA ILE A 273 27.86 3.61 -32.72
C ILE A 273 26.74 4.36 -33.44
N CYS A 274 25.80 4.93 -32.69
CA CYS A 274 24.68 5.65 -33.28
C CYS A 274 24.87 7.17 -33.25
N TRP A 275 25.20 7.75 -32.10
CA TRP A 275 25.24 9.20 -32.01
C TRP A 275 26.54 9.79 -32.53
N PHE A 276 27.66 9.08 -32.42
CA PHE A 276 28.95 9.63 -32.85
C PHE A 276 29.09 9.79 -34.37
N PRO A 277 28.60 8.87 -35.24
CA PRO A 277 28.53 9.24 -36.67
C PRO A 277 27.68 10.46 -36.96
N PHE A 278 26.64 10.70 -36.18
CA PHE A 278 25.85 11.92 -36.39
C PHE A 278 26.56 13.14 -35.82
N GLN A 279 27.12 13.02 -34.62
CA GLN A 279 27.69 14.19 -33.95
C GLN A 279 28.99 14.63 -34.61
N LEU A 280 29.75 13.69 -35.17
CA LEU A 280 30.96 14.04 -35.90
C LEU A 280 30.64 14.82 -37.18
N VAL A 281 29.59 14.41 -37.89
CA VAL A 281 29.15 15.13 -39.07
C VAL A 281 28.60 16.50 -38.70
N ALA A 282 27.80 16.57 -37.63
CA ALA A 282 27.24 17.84 -37.17
C ALA A 282 28.33 18.82 -36.72
N LEU A 283 29.42 18.31 -36.16
CA LEU A 283 30.45 19.20 -35.64
C LEU A 283 31.44 19.62 -36.72
N LEU A 284 31.74 18.72 -37.67
CA LEU A 284 32.44 19.14 -38.88
C LEU A 284 31.63 20.13 -39.70
N GLY A 285 30.29 20.04 -39.68
CA GLY A 285 29.48 21.07 -40.31
C GLY A 285 29.51 22.39 -39.55
N THR A 286 29.58 22.32 -38.22
CA THR A 286 29.67 23.52 -37.40
C THR A 286 30.97 24.28 -37.67
N VAL A 287 32.09 23.55 -37.72
CA VAL A 287 33.36 24.22 -37.97
C VAL A 287 33.47 24.68 -39.43
N TRP A 288 33.00 23.87 -40.40
CA TRP A 288 33.08 24.24 -41.81
C TRP A 288 31.81 24.97 -42.29
N LEU A 289 31.18 25.71 -41.38
CA LEU A 289 30.00 26.48 -41.71
C LEU A 289 30.33 27.65 -42.63
N LYS A 290 31.48 28.32 -42.41
CA LYS A 290 31.84 29.48 -43.21
C LYS A 290 32.11 29.08 -44.66
N GLU A 291 32.76 27.93 -44.86
CA GLU A 291 33.01 27.45 -46.21
C GLU A 291 31.72 27.03 -46.90
N MET A 292 30.72 26.58 -46.12
CA MET A 292 29.46 26.23 -46.79
C MET A 292 28.58 27.45 -47.08
N LEU A 293 28.60 28.46 -46.20
CA LEU A 293 27.74 29.62 -46.39
C LEU A 293 28.34 30.62 -47.38
N PHE A 294 29.64 30.86 -47.31
CA PHE A 294 30.28 31.86 -48.17
C PHE A 294 30.77 31.23 -49.47
N TYR A 295 31.66 30.25 -49.37
CA TYR A 295 32.22 29.65 -50.57
C TYR A 295 31.27 28.61 -51.18
N GLY A 296 30.60 27.84 -50.34
CA GLY A 296 29.70 26.79 -50.83
C GLY A 296 30.42 25.63 -51.47
N LYS A 297 31.54 25.20 -50.88
CA LYS A 297 32.36 24.12 -51.44
C LYS A 297 32.07 22.78 -50.80
N TYR A 298 32.07 22.71 -49.46
CA TYR A 298 31.97 21.45 -48.73
C TYR A 298 30.52 20.97 -48.77
N LYS A 299 30.18 20.23 -49.81
CA LYS A 299 28.84 19.68 -49.98
C LYS A 299 28.73 18.24 -49.53
N ILE A 300 29.80 17.66 -48.99
CA ILE A 300 29.77 16.28 -48.51
C ILE A 300 28.96 16.19 -47.23
N ILE A 301 29.06 17.21 -46.37
CA ILE A 301 28.38 17.21 -45.08
C ILE A 301 26.87 17.36 -45.26
N ASP A 302 26.44 18.08 -46.30
CA ASP A 302 25.02 18.31 -46.53
C ASP A 302 24.28 17.04 -46.93
N ILE A 303 24.92 16.19 -47.73
CA ILE A 303 24.26 14.98 -48.20
C ILE A 303 24.37 13.85 -47.18
N LEU A 304 25.30 13.94 -46.24
CA LEU A 304 25.62 12.85 -45.33
C LEU A 304 24.86 12.95 -44.01
N VAL A 305 24.06 14.00 -43.82
CA VAL A 305 23.41 14.21 -42.53
C VAL A 305 22.17 13.33 -42.37
N ASN A 306 21.55 12.89 -43.48
CA ASN A 306 20.35 12.06 -43.35
C ASN A 306 20.64 10.63 -42.90
N PRO A 307 21.62 9.87 -43.45
CA PRO A 307 21.89 8.54 -42.88
C PRO A 307 22.39 8.57 -41.46
N THR A 308 23.23 9.55 -41.11
CA THR A 308 23.72 9.65 -39.75
C THR A 308 22.63 10.11 -38.78
N SER A 309 21.69 10.93 -39.25
CA SER A 309 20.56 11.33 -38.41
C SER A 309 19.61 10.16 -38.18
N SER A 310 19.38 9.34 -39.21
CA SER A 310 18.53 8.17 -39.02
C SER A 310 19.22 7.12 -38.17
N LEU A 311 20.55 7.03 -38.26
CA LEU A 311 21.29 6.13 -37.37
C LEU A 311 21.27 6.62 -35.93
N ALA A 312 21.25 7.94 -35.73
CA ALA A 312 21.09 8.48 -34.38
C ALA A 312 19.69 8.27 -33.85
N PHE A 313 18.69 8.20 -34.74
CA PHE A 313 17.34 7.88 -34.31
C PHE A 313 17.16 6.38 -34.06
N PHE A 314 18.04 5.56 -34.67
CA PHE A 314 17.99 4.12 -34.46
C PHE A 314 18.40 3.72 -33.06
N ASN A 315 19.19 4.55 -32.36
CA ASN A 315 19.42 4.33 -30.94
C ASN A 315 18.12 4.45 -30.15
N SER A 316 17.34 5.50 -30.43
CA SER A 316 16.02 5.65 -29.83
C SER A 316 15.11 4.47 -30.19
N CYS A 317 15.27 3.91 -31.38
CA CYS A 317 14.56 2.69 -31.73
C CYS A 317 14.95 1.53 -30.81
N LEU A 318 16.24 1.43 -30.46
CA LEU A 318 16.71 0.30 -29.67
C LEU A 318 16.77 0.54 -28.16
N ASN A 319 16.49 1.75 -27.69
CA ASN A 319 16.57 2.04 -26.25
C ASN A 319 15.62 1.23 -25.35
N PRO A 320 14.31 1.05 -25.66
CA PRO A 320 13.46 0.25 -24.74
C PRO A 320 13.91 -1.18 -24.55
N MET A 321 14.28 -1.88 -25.64
CA MET A 321 14.75 -3.26 -25.52
C MET A 321 16.03 -3.33 -24.71
N LEU A 322 17.00 -2.48 -25.07
CA LEU A 322 18.33 -2.50 -24.47
C LEU A 322 18.31 -2.13 -23.00
N TYR A 323 17.42 -1.24 -22.58
CA TYR A 323 17.40 -0.84 -21.19
C TYR A 323 16.45 -1.68 -20.34
N VAL A 324 15.23 -1.93 -20.81
CA VAL A 324 14.19 -2.47 -19.96
C VAL A 324 13.96 -3.96 -20.22
N PHE A 325 13.98 -4.39 -21.47
CA PHE A 325 13.62 -5.77 -21.79
C PHE A 325 14.71 -6.78 -21.43
N VAL A 326 15.92 -6.31 -21.10
CA VAL A 326 16.95 -7.22 -20.60
C VAL A 326 16.60 -7.72 -19.20
N GLY A 327 15.85 -6.94 -18.43
CA GLY A 327 15.46 -7.35 -17.10
C GLY A 327 14.41 -8.43 -17.14
N GLN A 328 14.62 -9.52 -16.38
CA GLN A 328 13.69 -10.63 -16.36
C GLN A 328 12.40 -10.30 -15.62
N ASP A 329 12.44 -9.32 -14.70
CA ASP A 329 11.23 -8.93 -13.98
C ASP A 329 10.24 -8.24 -14.90
N PHE A 330 10.73 -7.36 -15.79
CA PHE A 330 9.87 -6.72 -16.77
C PHE A 330 9.32 -7.72 -17.78
N ARG A 331 10.12 -8.74 -18.13
CA ARG A 331 9.64 -9.80 -19.02
C ARG A 331 8.53 -10.60 -18.37
N GLU A 332 8.69 -10.96 -17.09
CA GLU A 332 7.65 -11.68 -16.36
C GLU A 332 6.40 -10.82 -16.21
N ARG A 333 6.58 -9.51 -16.03
CA ARG A 333 5.44 -8.61 -15.91
C ARG A 333 4.72 -8.46 -17.24
N LEU A 334 5.47 -8.52 -18.35
CA LEU A 334 4.86 -8.46 -19.67
C LEU A 334 4.07 -9.72 -19.97
N ILE A 335 4.62 -10.89 -19.63
CA ILE A 335 3.91 -12.15 -19.87
C ILE A 335 2.69 -12.25 -18.96
N HIS A 336 2.79 -11.75 -17.73
CA HIS A 336 1.65 -11.74 -16.82
C HIS A 336 0.56 -10.78 -17.30
N SER A 337 0.95 -9.63 -17.86
CA SER A 337 -0.03 -8.67 -18.36
C SER A 337 -0.75 -9.20 -19.60
N LEU A 338 0.01 -9.55 -20.64
CA LEU A 338 -0.58 -10.11 -21.84
C LEU A 338 -0.47 -11.63 -21.85
N TRP B 1 23.60 24.43 -47.85
CA TRP B 1 23.53 24.02 -46.45
C TRP B 1 22.20 23.33 -46.17
N LYS B 2 22.21 22.37 -45.24
CA LYS B 2 21.02 21.64 -44.85
C LYS B 2 20.84 21.73 -43.35
N TYR B 3 19.59 21.94 -42.92
CA TYR B 3 19.25 21.98 -41.51
C TYR B 3 19.55 20.67 -40.81
N MET B 4 20.14 20.76 -39.62
CA MET B 4 20.55 19.61 -38.84
C MET B 4 19.75 19.58 -37.54
N VAL B 5 19.22 18.40 -37.20
CA VAL B 5 18.42 18.26 -36.00
C VAL B 5 19.34 18.11 -34.79
N LEU C 4 -19.36 15.94 -7.86
CA LEU C 4 -19.77 16.85 -6.79
C LEU C 4 -19.49 16.23 -5.42
N SER C 5 -18.92 17.04 -4.53
CA SER C 5 -18.58 16.59 -3.18
C SER C 5 -18.75 17.77 -2.23
N ALA C 6 -19.59 17.60 -1.21
CA ALA C 6 -19.97 18.74 -0.37
C ALA C 6 -18.92 19.08 0.69
N GLU C 7 -18.75 18.21 1.69
CA GLU C 7 -17.72 18.38 2.70
C GLU C 7 -16.74 17.24 2.72
N ASP C 8 -17.00 16.15 2.00
CA ASP C 8 -16.05 15.08 1.82
C ASP C 8 -14.90 15.44 0.89
N LYS C 9 -14.91 16.63 0.26
CA LYS C 9 -13.67 17.19 -0.29
C LYS C 9 -12.60 17.31 0.80
N ALA C 10 -13.01 17.65 2.02
CA ALA C 10 -12.06 17.67 3.12
C ALA C 10 -11.66 16.27 3.55
N ALA C 11 -12.57 15.30 3.45
CA ALA C 11 -12.21 13.91 3.69
C ALA C 11 -11.20 13.39 2.65
N VAL C 12 -11.32 13.84 1.40
CA VAL C 12 -10.35 13.46 0.37
C VAL C 12 -9.03 14.18 0.61
N GLU C 13 -9.08 15.41 1.10
CA GLU C 13 -7.85 16.11 1.51
C GLU C 13 -7.18 15.41 2.68
N ARG C 14 -7.97 14.87 3.61
CA ARG C 14 -7.43 14.06 4.70
C ARG C 14 -6.80 12.78 4.18
N SER C 15 -7.44 12.12 3.21
CA SER C 15 -6.91 10.90 2.62
C SER C 15 -5.59 11.15 1.91
N LYS C 16 -5.50 12.26 1.15
CA LYS C 16 -4.25 12.57 0.47
C LYS C 16 -3.17 13.03 1.45
N MET C 17 -3.57 13.66 2.57
CA MET C 17 -2.61 14.05 3.59
C MET C 17 -2.00 12.84 4.29
N ILE C 18 -2.85 11.92 4.76
CA ILE C 18 -2.33 10.72 5.42
C ILE C 18 -1.67 9.81 4.39
N ASP C 19 -2.05 9.90 3.11
CA ASP C 19 -1.39 9.14 2.06
C ASP C 19 0.02 9.66 1.81
N ARG C 20 0.22 10.97 1.87
CA ARG C 20 1.57 11.53 1.82
C ARG C 20 2.38 11.09 3.04
N ASN C 21 1.73 10.98 4.19
CA ASN C 21 2.42 10.44 5.37
C ASN C 21 2.73 8.95 5.21
N LEU C 22 1.87 8.21 4.51
CA LEU C 22 2.14 6.80 4.21
C LEU C 22 3.30 6.66 3.25
N ARG C 23 3.38 7.54 2.26
CA ARG C 23 4.51 7.52 1.33
C ARG C 23 5.82 7.84 2.05
N GLU C 24 5.79 8.80 2.97
CA GLU C 24 6.99 9.13 3.74
C GLU C 24 7.39 7.98 4.67
N ASP C 25 6.42 7.36 5.34
CA ASP C 25 6.71 6.23 6.21
C ASP C 25 7.20 5.01 5.42
N GLY C 26 6.66 4.82 4.22
CA GLY C 26 7.11 3.72 3.38
C GLY C 26 8.52 3.91 2.86
N GLU C 27 8.86 5.15 2.47
CA GLU C 27 10.24 5.44 2.09
C GLU C 27 11.19 5.28 3.27
N LYS C 28 10.74 5.68 4.47
CA LYS C 28 11.57 5.54 5.66
C LYS C 28 11.78 4.07 6.04
N ALA C 29 10.76 3.24 5.84
CA ALA C 29 10.88 1.83 6.19
C ALA C 29 11.59 1.04 5.11
N ALA C 30 11.52 1.47 3.84
CA ALA C 30 12.31 0.88 2.78
C ALA C 30 13.76 1.34 2.83
N ARG C 31 14.04 2.45 3.52
CA ARG C 31 15.42 2.90 3.72
C ARG C 31 16.22 1.88 4.52
N GLU C 32 15.63 1.35 5.59
CA GLU C 32 16.36 0.54 6.56
C GLU C 32 16.31 -0.92 6.14
N VAL C 33 17.48 -1.56 6.13
CA VAL C 33 17.62 -2.93 5.62
C VAL C 33 17.21 -3.93 6.70
N LYS C 34 16.47 -4.96 6.27
CA LYS C 34 15.90 -5.96 7.16
C LYS C 34 16.65 -7.28 7.04
N LEU C 35 16.91 -7.93 8.18
CA LEU C 35 17.76 -9.12 8.23
C LEU C 35 17.13 -10.14 9.16
N LEU C 36 16.59 -11.22 8.60
CA LEU C 36 16.08 -12.31 9.41
C LEU C 36 17.24 -13.04 10.08
N LEU C 37 17.09 -13.38 11.36
CA LEU C 37 18.21 -13.94 12.13
C LEU C 37 17.78 -15.29 12.69
N LEU C 38 18.13 -16.36 12.00
CA LEU C 38 17.69 -17.70 12.39
C LEU C 38 18.82 -18.48 13.05
N GLY C 39 18.45 -19.64 13.60
CA GLY C 39 19.39 -20.51 14.26
C GLY C 39 18.70 -21.61 15.05
N ALA C 40 19.43 -22.68 15.37
CA ALA C 40 18.87 -23.79 16.11
C ALA C 40 19.07 -23.67 17.62
N GLY C 41 19.99 -22.84 18.07
CA GLY C 41 20.25 -22.68 19.49
C GLY C 41 20.22 -21.23 19.91
N GLU C 42 19.73 -21.00 21.13
CA GLU C 42 19.53 -19.64 21.61
C GLU C 42 20.83 -18.98 22.05
N SER C 43 21.77 -19.77 22.60
CA SER C 43 23.01 -19.21 23.13
C SER C 43 23.91 -18.68 22.02
N GLY C 44 23.99 -19.39 20.88
CA GLY C 44 24.82 -18.94 19.77
C GLY C 44 24.32 -17.63 19.16
N LYS C 45 23.00 -17.49 19.06
CA LYS C 45 22.43 -16.24 18.55
C LYS C 45 22.51 -15.12 19.58
N SER C 46 22.39 -15.46 20.86
CA SER C 46 22.54 -14.46 21.92
C SER C 46 23.95 -13.92 21.98
N THR C 47 24.96 -14.76 21.69
CA THR C 47 26.36 -14.33 21.70
C THR C 47 26.61 -13.26 20.64
N ILE C 48 26.05 -13.43 19.44
CA ILE C 48 26.30 -12.43 18.40
C ILE C 48 25.38 -11.23 18.55
N VAL C 49 24.15 -11.41 19.09
CA VAL C 49 23.27 -10.26 19.20
C VAL C 49 23.63 -9.40 20.41
N LYS C 50 24.41 -9.93 21.36
CA LYS C 50 25.01 -9.07 22.38
C LYS C 50 26.23 -8.32 21.86
N GLN C 51 26.76 -8.71 20.71
CA GLN C 51 27.86 -8.00 20.06
C GLN C 51 27.39 -6.94 19.08
N MET C 52 26.08 -6.73 18.96
CA MET C 52 25.58 -5.69 18.08
C MET C 52 25.71 -4.33 18.76
N LYS C 53 25.67 -3.27 17.94
CA LYS C 53 25.85 -1.92 18.43
C LYS C 53 24.62 -1.48 19.22
N ILE C 54 24.86 -0.75 20.32
CA ILE C 54 23.80 -0.30 21.20
C ILE C 54 23.08 0.89 20.58
N THR C 181 7.34 -13.90 24.13
CA THR C 181 7.44 -12.46 23.90
C THR C 181 7.40 -12.13 22.43
N GLY C 182 7.61 -13.15 21.59
CA GLY C 182 7.52 -12.98 20.16
C GLY C 182 8.86 -12.74 19.49
N ILE C 183 8.81 -12.08 18.33
CA ILE C 183 10.04 -11.67 17.64
C ILE C 183 10.76 -10.59 18.44
N VAL C 184 12.06 -10.50 18.21
CA VAL C 184 12.93 -9.52 18.85
C VAL C 184 13.54 -8.69 17.74
N GLU C 185 13.07 -7.45 17.60
CA GLU C 185 13.64 -6.51 16.65
C GLU C 185 14.85 -5.83 17.28
N THR C 186 15.96 -5.81 16.55
CA THR C 186 17.20 -5.18 17.00
C THR C 186 17.61 -4.16 15.93
N HIS C 187 17.29 -2.90 16.15
CA HIS C 187 17.62 -1.83 15.23
C HIS C 187 18.96 -1.21 15.62
N PHE C 188 19.96 -1.32 14.73
CA PHE C 188 21.21 -0.61 14.95
C PHE C 188 21.65 0.04 13.64
N THR C 189 22.83 0.64 13.65
CA THR C 189 23.34 1.37 12.50
C THR C 189 24.85 1.17 12.41
N PHE C 190 25.33 0.90 11.19
CA PHE C 190 26.75 0.76 10.94
C PHE C 190 27.08 1.38 9.60
N LYS C 191 28.04 2.32 9.60
CA LYS C 191 28.51 3.06 8.43
C LYS C 191 27.36 3.70 7.64
N ASP C 192 26.49 4.38 8.40
CA ASP C 192 25.27 5.05 7.90
C ASP C 192 24.33 4.08 7.19
N LEU C 193 24.31 2.81 7.64
CA LEU C 193 23.38 1.83 7.14
C LEU C 193 22.60 1.26 8.32
N HIS C 194 21.28 1.42 8.30
CA HIS C 194 20.43 1.06 9.43
C HIS C 194 19.94 -0.38 9.25
N PHE C 195 20.38 -1.26 10.14
CA PHE C 195 20.02 -2.67 10.12
C PHE C 195 18.90 -2.95 11.11
N LYS C 196 18.02 -3.88 10.73
CA LYS C 196 16.99 -4.42 11.62
C LYS C 196 17.17 -5.93 11.68
N MET C 197 17.74 -6.44 12.77
CA MET C 197 17.78 -7.88 13.01
C MET C 197 16.43 -8.34 13.52
N PHE C 198 15.95 -9.46 13.00
CA PHE C 198 14.70 -10.05 13.46
C PHE C 198 14.99 -11.43 14.03
N ASP C 199 15.19 -11.51 15.34
CA ASP C 199 15.39 -12.79 16.01
C ASP C 199 14.02 -13.41 16.29
N VAL C 200 13.77 -14.60 15.73
CA VAL C 200 12.49 -15.24 15.88
C VAL C 200 12.58 -16.53 16.69
N GLY C 201 13.78 -17.13 16.83
CA GLY C 201 13.96 -18.47 17.37
C GLY C 201 13.50 -18.67 18.80
N ALA C 202 13.33 -17.60 19.57
CA ALA C 202 12.71 -17.71 20.90
C ALA C 202 11.27 -18.17 20.77
N GLN C 203 10.57 -17.73 19.74
CA GLN C 203 9.21 -18.20 19.47
C GLN C 203 9.22 -19.64 18.98
N ARG C 204 8.42 -20.49 19.61
CA ARG C 204 8.33 -21.90 19.24
C ARG C 204 6.94 -22.16 18.65
N SER C 205 6.88 -22.29 17.33
CA SER C 205 5.66 -22.64 16.62
C SER C 205 6.05 -23.28 15.30
N GLU C 206 5.05 -23.66 14.50
CA GLU C 206 5.30 -24.32 13.22
C GLU C 206 5.84 -23.28 12.23
N ARG C 207 7.01 -23.56 11.66
CA ARG C 207 7.80 -22.54 10.98
C ARG C 207 7.22 -22.18 9.62
N LYS C 208 6.49 -23.11 8.98
CA LYS C 208 6.01 -22.89 7.61
C LYS C 208 4.93 -21.82 7.56
N LYS C 209 4.18 -21.63 8.65
CA LYS C 209 3.06 -20.71 8.62
C LYS C 209 3.48 -19.25 8.80
N TRP C 210 4.59 -19.01 9.48
CA TRP C 210 5.08 -17.64 9.64
C TRP C 210 6.32 -17.34 8.81
N ILE C 211 6.91 -18.33 8.14
CA ILE C 211 8.16 -18.10 7.41
C ILE C 211 7.94 -17.19 6.21
N HIS C 212 6.74 -17.23 5.59
CA HIS C 212 6.45 -16.43 4.41
C HIS C 212 6.23 -14.95 4.71
N CYS C 213 6.24 -14.54 5.99
CA CYS C 213 6.30 -13.12 6.32
C CYS C 213 7.58 -12.48 5.81
N PHE C 214 8.66 -13.25 5.74
CA PHE C 214 10.00 -12.72 5.50
C PHE C 214 10.42 -12.93 4.06
N GLU C 215 9.49 -12.85 3.12
CA GLU C 215 9.81 -13.04 1.71
C GLU C 215 10.66 -11.89 1.18
N GLY C 216 10.34 -10.66 1.59
CA GLY C 216 11.06 -9.50 1.09
C GLY C 216 12.22 -9.09 1.97
N VAL C 217 12.75 -10.01 2.76
CA VAL C 217 13.90 -9.70 3.60
C VAL C 217 15.16 -9.70 2.73
N THR C 218 16.18 -8.98 3.19
CA THR C 218 17.45 -8.95 2.47
C THR C 218 18.25 -10.22 2.69
N ALA C 219 18.63 -10.50 3.95
CA ALA C 219 19.55 -11.59 4.24
C ALA C 219 19.07 -12.35 5.46
N ILE C 220 19.39 -13.64 5.48
CA ILE C 220 19.17 -14.51 6.63
C ILE C 220 20.52 -14.78 7.26
N ILE C 221 20.75 -14.23 8.46
CA ILE C 221 21.91 -14.65 9.25
C ILE C 221 21.55 -15.96 9.94
N PHE C 222 22.02 -17.07 9.38
CA PHE C 222 21.83 -18.37 10.01
C PHE C 222 23.01 -18.58 10.94
N CYS C 223 22.79 -18.42 12.24
CA CYS C 223 23.82 -18.74 13.20
C CYS C 223 23.75 -20.21 13.57
N VAL C 224 24.93 -20.80 13.80
CA VAL C 224 25.01 -22.17 14.30
C VAL C 224 26.32 -22.33 15.06
N ALA C 225 26.23 -22.88 16.27
CA ALA C 225 27.42 -23.11 17.07
C ALA C 225 28.14 -24.36 16.57
N LEU C 226 29.47 -24.30 16.55
CA LEU C 226 30.27 -25.40 16.05
C LEU C 226 30.43 -26.52 17.06
N SER C 227 30.08 -26.29 18.32
CA SER C 227 30.21 -27.30 19.37
C SER C 227 28.94 -28.08 19.59
N ASP C 228 27.95 -27.94 18.71
CA ASP C 228 26.64 -28.56 18.90
C ASP C 228 26.64 -30.06 18.61
N TYR C 229 27.65 -30.57 17.88
CA TYR C 229 27.66 -31.98 17.51
C TYR C 229 27.92 -32.90 18.69
N ASP C 230 28.53 -32.38 19.76
CA ASP C 230 28.81 -33.20 20.94
C ASP C 230 27.52 -33.56 21.67
N LEU C 231 26.68 -32.57 21.95
CA LEU C 231 25.45 -32.80 22.68
C LEU C 231 24.39 -33.41 21.78
N VAL C 232 23.31 -33.87 22.39
CA VAL C 232 22.21 -34.49 21.67
C VAL C 232 20.98 -33.57 21.68
N ASN C 240 23.89 -34.60 17.89
CA ASN C 240 22.63 -34.75 17.17
C ASN C 240 22.09 -33.36 16.81
N ARG C 241 22.57 -32.35 17.53
CA ARG C 241 22.13 -30.99 17.27
C ARG C 241 22.68 -30.44 15.96
N MET C 242 23.84 -30.95 15.52
CA MET C 242 24.41 -30.52 14.25
C MET C 242 23.56 -30.99 13.08
N HIS C 243 22.99 -32.20 13.18
CA HIS C 243 22.09 -32.67 12.14
C HIS C 243 20.77 -31.92 12.16
N GLU C 244 20.32 -31.48 13.33
CA GLU C 244 19.13 -30.62 13.41
C GLU C 244 19.39 -29.26 12.77
N SER C 245 20.61 -28.74 12.96
CA SER C 245 20.98 -27.49 12.30
C SER C 245 21.09 -27.66 10.79
N MET C 246 21.56 -28.84 10.35
CA MET C 246 21.59 -29.15 8.92
C MET C 246 20.19 -29.23 8.33
N LYS C 247 19.25 -29.82 9.08
CA LYS C 247 17.87 -29.92 8.61
C LYS C 247 17.21 -28.55 8.53
N LEU C 248 17.42 -27.71 9.56
CA LEU C 248 16.89 -26.35 9.55
C LEU C 248 17.50 -25.51 8.42
N PHE C 249 18.81 -25.69 8.19
CA PHE C 249 19.50 -24.95 7.14
C PHE C 249 19.05 -25.38 5.75
N ASP C 250 18.87 -26.68 5.54
CA ASP C 250 18.35 -27.19 4.27
C ASP C 250 16.90 -26.76 4.06
N SER C 251 16.13 -26.65 5.14
CA SER C 251 14.76 -26.21 5.03
C SER C 251 14.66 -24.73 4.65
N ILE C 252 15.52 -23.89 5.24
CA ILE C 252 15.45 -22.47 4.89
C ILE C 252 16.09 -22.19 3.53
N CYS C 253 17.08 -22.99 3.12
CA CYS C 253 17.70 -22.76 1.82
C CYS C 253 16.84 -23.26 0.66
N ASN C 254 16.22 -24.43 0.82
CA ASN C 254 15.32 -24.95 -0.20
C ASN C 254 13.88 -24.52 0.02
N ASN C 255 13.66 -23.48 0.82
CA ASN C 255 12.35 -22.89 0.95
C ASN C 255 12.04 -22.08 -0.31
N LYS C 256 10.80 -22.19 -0.78
CA LYS C 256 10.37 -21.50 -2.00
C LYS C 256 10.30 -19.99 -1.84
N TRP C 257 10.34 -19.48 -0.61
CA TRP C 257 10.26 -18.03 -0.40
C TRP C 257 11.63 -17.37 -0.46
N PHE C 258 12.70 -18.13 -0.23
CA PHE C 258 14.05 -17.57 -0.14
C PHE C 258 14.91 -18.01 -1.33
N THR C 259 14.33 -18.03 -2.52
CA THR C 259 15.11 -18.37 -3.71
C THR C 259 16.05 -17.24 -4.11
N ASP C 260 15.74 -15.99 -3.72
CA ASP C 260 16.57 -14.84 -4.04
C ASP C 260 17.40 -14.35 -2.87
N THR C 261 17.15 -14.86 -1.67
CA THR C 261 17.74 -14.32 -0.44
C THR C 261 19.12 -14.94 -0.23
N SER C 262 20.17 -14.13 -0.46
CA SER C 262 21.53 -14.58 -0.23
C SER C 262 21.85 -14.47 1.25
N ILE C 263 22.21 -15.59 1.86
CA ILE C 263 22.22 -15.72 3.31
C ILE C 263 23.63 -15.60 3.87
N ILE C 264 23.72 -15.06 5.07
CA ILE C 264 24.94 -15.04 5.87
C ILE C 264 24.89 -16.27 6.78
N LEU C 265 26.07 -16.78 7.17
CA LEU C 265 26.15 -18.00 7.95
C LEU C 265 27.26 -17.83 8.98
N PHE C 266 26.89 -17.80 10.24
CA PHE C 266 27.86 -17.65 11.32
C PHE C 266 28.15 -18.99 11.97
N LEU C 267 29.43 -19.26 12.19
CA LEU C 267 29.90 -20.49 12.82
C LEU C 267 30.45 -20.09 14.18
N ASN C 268 29.60 -20.21 15.20
CA ASN C 268 29.85 -19.66 16.52
C ASN C 268 30.69 -20.63 17.35
N LYS C 269 31.16 -20.11 18.50
CA LYS C 269 31.92 -20.85 19.51
C LYS C 269 33.19 -21.47 18.92
N LYS C 270 34.07 -20.59 18.42
CA LYS C 270 35.29 -21.04 17.74
C LYS C 270 36.28 -21.64 18.73
N ASP C 271 36.47 -20.99 19.89
CA ASP C 271 37.39 -21.51 20.90
C ASP C 271 36.86 -22.78 21.53
N LEU C 272 35.55 -22.83 21.77
CA LEU C 272 34.91 -24.06 22.25
C LEU C 272 35.01 -25.17 21.22
N PHE C 273 34.96 -24.83 19.93
CA PHE C 273 35.14 -25.85 18.90
C PHE C 273 36.58 -26.36 18.85
N GLU C 274 37.55 -25.47 19.08
CA GLU C 274 38.94 -25.90 19.19
C GLU C 274 39.14 -26.85 20.37
N GLU C 275 38.48 -26.57 21.49
CA GLU C 275 38.57 -27.47 22.64
C GLU C 275 37.85 -28.79 22.40
N LYS C 276 36.74 -28.76 21.64
CA LYS C 276 36.06 -30.01 21.30
C LYS C 276 36.87 -30.85 20.32
N ILE C 277 37.61 -30.20 19.41
CA ILE C 277 38.50 -30.94 18.50
C ILE C 277 39.67 -31.53 19.27
N LYS C 278 40.21 -30.78 20.24
CA LYS C 278 41.30 -31.28 21.05
C LYS C 278 40.86 -32.46 21.92
N LYS C 279 39.64 -32.40 22.46
CA LYS C 279 39.16 -33.48 23.31
C LYS C 279 38.55 -34.63 22.49
N SER C 280 37.57 -34.32 21.63
CA SER C 280 36.79 -35.38 20.99
C SER C 280 37.05 -35.44 19.48
N PRO C 281 37.05 -36.63 18.90
CA PRO C 281 37.11 -36.74 17.44
C PRO C 281 35.83 -36.24 16.79
N LEU C 282 35.98 -35.70 15.57
CA LEU C 282 34.84 -35.20 14.80
C LEU C 282 34.14 -36.29 14.00
N THR C 283 34.69 -37.51 13.97
CA THR C 283 34.12 -38.60 13.19
C THR C 283 32.83 -39.16 13.79
N ILE C 284 32.43 -38.71 14.98
CA ILE C 284 31.18 -39.18 15.59
C ILE C 284 29.98 -38.64 14.81
N CYS C 285 29.97 -37.34 14.53
CA CYS C 285 28.84 -36.73 13.84
C CYS C 285 28.95 -36.88 12.32
N TYR C 286 30.16 -36.99 11.78
CA TYR C 286 30.37 -37.27 10.37
C TYR C 286 30.94 -38.68 10.21
N PRO C 287 30.12 -39.68 9.90
CA PRO C 287 30.67 -41.01 9.61
C PRO C 287 31.48 -41.06 8.32
N GLU C 288 31.14 -40.23 7.33
CA GLU C 288 31.83 -40.27 6.04
C GLU C 288 33.20 -39.61 6.11
N TYR C 289 33.35 -38.57 6.91
CA TYR C 289 34.59 -37.81 6.95
C TYR C 289 35.73 -38.59 7.59
N ALA C 290 36.91 -38.50 6.98
CA ALA C 290 38.14 -39.07 7.53
C ALA C 290 39.24 -38.04 7.36
N GLY C 291 39.82 -37.60 8.46
CA GLY C 291 40.85 -36.58 8.42
C GLY C 291 41.41 -36.34 9.80
N SER C 292 42.45 -35.51 9.83
CA SER C 292 43.14 -35.21 11.09
C SER C 292 42.28 -34.29 11.97
N ASN C 293 42.51 -34.40 13.27
CA ASN C 293 41.80 -33.56 14.25
C ASN C 293 42.52 -32.21 14.40
N THR C 294 42.44 -31.42 13.33
CA THR C 294 42.98 -30.07 13.29
C THR C 294 41.86 -29.11 12.95
N TYR C 295 42.01 -27.86 13.40
CA TYR C 295 40.95 -26.87 13.21
C TYR C 295 40.80 -26.46 11.75
N GLU C 296 41.93 -26.33 11.04
CA GLU C 296 41.91 -25.72 9.70
C GLU C 296 41.21 -26.61 8.69
N GLU C 297 41.44 -27.93 8.76
CA GLU C 297 40.79 -28.84 7.83
C GLU C 297 39.33 -29.09 8.21
N ALA C 298 39.07 -29.26 9.51
CA ALA C 298 37.73 -29.63 9.97
C ALA C 298 36.74 -28.47 9.83
N ALA C 299 37.19 -27.25 10.14
CA ALA C 299 36.31 -26.09 10.01
C ALA C 299 35.97 -25.81 8.55
N ALA C 300 36.95 -25.99 7.66
CA ALA C 300 36.70 -25.85 6.23
C ALA C 300 35.81 -26.97 5.72
N TYR C 301 35.90 -28.17 6.31
CA TYR C 301 35.00 -29.25 5.93
C TYR C 301 33.57 -28.96 6.34
N ILE C 302 33.37 -28.43 7.56
CA ILE C 302 32.03 -28.08 8.02
C ILE C 302 31.46 -26.93 7.18
N GLN C 303 32.30 -25.96 6.83
CA GLN C 303 31.88 -24.87 5.95
C GLN C 303 31.50 -25.38 4.56
N CYS C 304 32.25 -26.35 4.04
CA CYS C 304 31.93 -26.94 2.74
C CYS C 304 30.64 -27.76 2.79
N GLN C 305 30.41 -28.47 3.90
CA GLN C 305 29.19 -29.26 4.04
C GLN C 305 27.97 -28.36 4.18
N PHE C 306 28.11 -27.21 4.85
CA PHE C 306 26.99 -26.27 4.91
C PHE C 306 26.77 -25.58 3.57
N GLU C 307 27.85 -25.22 2.87
CA GLU C 307 27.72 -24.55 1.57
C GLU C 307 27.20 -25.50 0.49
N ASP C 308 27.37 -26.82 0.67
CA ASP C 308 26.94 -27.78 -0.33
C ASP C 308 25.44 -28.06 -0.28
N LEU C 309 24.74 -27.59 0.75
CA LEU C 309 23.35 -28.01 0.98
C LEU C 309 22.35 -27.36 0.04
N ASN C 310 22.62 -26.13 -0.43
CA ASN C 310 21.65 -25.46 -1.30
C ASN C 310 21.60 -26.10 -2.69
N LYS C 311 20.39 -26.32 -3.18
CA LYS C 311 20.22 -26.83 -4.54
C LYS C 311 20.49 -25.75 -5.57
N ARG C 312 19.98 -24.55 -5.34
CA ARG C 312 20.10 -23.45 -6.28
C ARG C 312 21.32 -22.60 -5.90
N LYS C 313 22.37 -22.69 -6.71
CA LYS C 313 23.60 -21.94 -6.48
C LYS C 313 23.74 -20.75 -7.39
N ASP C 314 22.87 -20.60 -8.39
CA ASP C 314 22.98 -19.51 -9.35
C ASP C 314 22.62 -18.17 -8.70
N THR C 315 21.50 -18.13 -7.99
CA THR C 315 20.98 -16.86 -7.48
C THR C 315 21.61 -16.47 -6.14
N LYS C 316 21.56 -17.36 -5.16
CA LYS C 316 21.93 -17.03 -3.78
C LYS C 316 23.32 -17.55 -3.45
N GLU C 317 24.09 -16.74 -2.73
CA GLU C 317 25.45 -17.07 -2.34
C GLU C 317 25.54 -17.07 -0.81
N ILE C 318 26.00 -18.19 -0.25
CA ILE C 318 26.02 -18.38 1.19
C ILE C 318 27.35 -17.82 1.69
N TYR C 319 27.33 -16.57 2.13
CA TYR C 319 28.49 -16.00 2.80
C TYR C 319 28.66 -16.68 4.16
N THR C 320 29.91 -16.96 4.53
CA THR C 320 30.17 -17.70 5.74
C THR C 320 31.28 -17.00 6.54
N HIS C 321 31.12 -16.98 7.87
CA HIS C 321 32.09 -16.30 8.73
C HIS C 321 32.19 -17.03 10.07
N PHE C 322 33.41 -17.11 10.58
CA PHE C 322 33.67 -17.69 11.90
C PHE C 322 33.59 -16.60 12.95
N THR C 323 32.80 -16.86 14.00
CA THR C 323 32.55 -15.85 15.01
C THR C 323 33.78 -15.62 15.87
N CYS C 324 34.19 -14.37 16.01
CA CYS C 324 35.34 -13.97 16.81
C CYS C 324 34.87 -13.28 18.08
N SER C 325 35.82 -13.04 18.98
CA SER C 325 35.51 -12.32 20.22
C SER C 325 35.23 -10.85 19.94
N THR C 326 35.95 -10.25 18.99
CA THR C 326 35.75 -8.86 18.64
C THR C 326 34.48 -8.70 17.82
N GLU C 327 33.68 -7.70 18.18
CA GLU C 327 32.42 -7.44 17.48
C GLU C 327 32.63 -6.73 16.16
N THR C 328 33.79 -6.07 15.98
CA THR C 328 34.06 -5.28 14.79
C THR C 328 34.09 -6.16 13.54
N LYS C 329 34.73 -7.34 13.63
CA LYS C 329 34.83 -8.22 12.47
C LYS C 329 33.48 -8.80 12.09
N ASN C 330 32.64 -9.10 13.08
CA ASN C 330 31.31 -9.66 12.80
C ASN C 330 30.40 -8.63 12.15
N VAL C 331 30.35 -7.42 12.73
CA VAL C 331 29.52 -6.36 12.15
C VAL C 331 30.05 -5.93 10.79
N GLN C 332 31.37 -5.96 10.60
CA GLN C 332 31.96 -5.63 9.30
C GLN C 332 31.63 -6.69 8.26
N PHE C 333 31.59 -7.97 8.65
CA PHE C 333 31.21 -9.01 7.70
C PHE C 333 29.73 -8.91 7.34
N VAL C 334 28.89 -8.55 8.31
CA VAL C 334 27.47 -8.34 8.02
C VAL C 334 27.28 -7.17 7.07
N PHE C 335 28.06 -6.09 7.28
CA PHE C 335 27.99 -4.93 6.40
C PHE C 335 28.45 -5.26 4.98
N ASP C 336 29.54 -6.03 4.86
CA ASP C 336 30.05 -6.39 3.53
C ASP C 336 29.11 -7.34 2.80
N ALA C 337 28.56 -8.33 3.52
CA ALA C 337 27.64 -9.28 2.91
C ALA C 337 26.34 -8.60 2.48
N VAL C 338 25.76 -7.78 3.36
CA VAL C 338 24.53 -7.06 3.03
C VAL C 338 24.77 -6.05 1.92
N THR C 339 25.95 -5.43 1.87
CA THR C 339 26.30 -4.52 0.78
C THR C 339 26.37 -5.26 -0.56
N ASP C 340 26.93 -6.47 -0.56
CA ASP C 340 26.97 -7.27 -1.78
C ASP C 340 25.57 -7.71 -2.20
N VAL C 341 24.70 -8.01 -1.23
CA VAL C 341 23.33 -8.43 -1.57
C VAL C 341 22.53 -7.24 -2.10
N ILE C 342 22.77 -6.04 -1.57
CA ILE C 342 22.14 -4.82 -2.07
C ILE C 342 22.58 -4.53 -3.51
N ILE C 343 23.87 -4.70 -3.80
CA ILE C 343 24.36 -4.44 -5.16
C ILE C 343 23.82 -5.49 -6.14
N LYS C 344 23.72 -6.75 -5.69
CA LYS C 344 23.10 -7.79 -6.52
C LYS C 344 21.62 -7.52 -6.75
N ASN C 345 20.91 -7.03 -5.74
CA ASN C 345 19.49 -6.70 -5.92
C ASN C 345 19.30 -5.51 -6.85
N ASN C 346 20.20 -4.52 -6.76
CA ASN C 346 20.10 -3.36 -7.64
C ASN C 346 20.41 -3.73 -9.08
N LEU C 347 21.38 -4.62 -9.30
CA LEU C 347 21.64 -5.08 -10.66
C LEU C 347 20.60 -6.09 -11.15
N LYS C 348 19.89 -6.75 -10.24
CA LYS C 348 18.73 -7.54 -10.64
C LYS C 348 17.60 -6.65 -11.10
N ASP C 349 17.43 -5.51 -10.44
CA ASP C 349 16.38 -4.57 -10.82
C ASP C 349 16.74 -3.86 -12.13
N CYS C 350 18.02 -3.50 -12.31
CA CYS C 350 18.45 -2.84 -13.53
C CYS C 350 18.49 -3.80 -14.71
N GLY C 351 18.82 -5.06 -14.47
CA GLY C 351 18.79 -6.08 -15.50
C GLY C 351 20.12 -6.59 -16.02
N LEU C 352 21.22 -6.35 -15.31
CA LEU C 352 22.49 -6.94 -15.74
C LEU C 352 22.57 -8.41 -15.34
N PHE C 353 22.19 -8.73 -14.11
CA PHE C 353 22.10 -10.13 -13.68
C PHE C 353 20.69 -10.67 -13.91
N ASP D 18 -1.72 -47.74 26.78
CA ASP D 18 -2.05 -49.15 26.80
C ASP D 18 -3.57 -49.33 26.78
N GLU D 19 -4.20 -49.04 27.92
CA GLU D 19 -5.64 -49.14 28.05
C GLU D 19 -6.35 -47.86 27.63
N LEU D 20 -5.78 -46.71 27.99
CA LEU D 20 -6.45 -45.43 27.78
C LEU D 20 -6.40 -45.01 26.31
N ARG D 21 -5.30 -45.32 25.62
CA ARG D 21 -5.21 -45.06 24.19
C ARG D 21 -6.16 -45.96 23.41
N GLN D 22 -6.32 -47.20 23.85
CA GLN D 22 -7.28 -48.11 23.22
C GLN D 22 -8.71 -47.64 23.48
N GLU D 23 -8.97 -47.08 24.67
CA GLU D 23 -10.27 -46.50 24.96
C GLU D 23 -10.56 -45.29 24.08
N ALA D 24 -9.54 -44.46 23.84
CA ALA D 24 -9.70 -43.32 22.94
C ALA D 24 -9.96 -43.77 21.51
N GLU D 25 -9.28 -44.85 21.07
CA GLU D 25 -9.51 -45.39 19.74
C GLU D 25 -10.92 -45.98 19.62
N GLN D 26 -11.41 -46.63 20.67
CA GLN D 26 -12.77 -47.18 20.66
C GLN D 26 -13.81 -46.07 20.64
N LEU D 27 -13.59 -44.98 21.39
CA LEU D 27 -14.54 -43.87 21.36
C LEU D 27 -14.50 -43.13 20.02
N LYS D 28 -13.33 -43.03 19.39
CA LYS D 28 -13.24 -42.41 18.07
C LYS D 28 -13.93 -43.27 17.02
N ASN D 29 -13.78 -44.60 17.12
CA ASN D 29 -14.48 -45.49 16.21
C ASN D 29 -15.98 -45.45 16.46
N GLN D 30 -16.39 -45.27 17.72
CA GLN D 30 -17.81 -45.16 18.05
C GLN D 30 -18.44 -43.91 17.43
N ILE D 31 -17.78 -42.76 17.60
CA ILE D 31 -18.34 -41.52 17.05
C ILE D 31 -18.27 -41.53 15.53
N ARG D 32 -17.25 -42.15 14.94
CA ARG D 32 -17.17 -42.26 13.49
C ARG D 32 -18.25 -43.17 12.94
N ASP D 33 -18.55 -44.27 13.63
CA ASP D 33 -19.61 -45.17 13.20
C ASP D 33 -20.98 -44.53 13.38
N ALA D 34 -21.14 -43.69 14.41
CA ALA D 34 -22.41 -43.00 14.59
C ALA D 34 -22.63 -41.95 13.51
N ARG D 35 -21.58 -41.16 13.18
CA ARG D 35 -21.74 -40.16 12.14
C ARG D 35 -21.68 -40.74 10.73
N LYS D 36 -21.28 -42.00 10.58
CA LYS D 36 -21.45 -42.70 9.32
C LYS D 36 -22.84 -43.33 9.21
N ALA D 37 -23.38 -43.81 10.32
CA ALA D 37 -24.70 -44.42 10.31
C ALA D 37 -25.81 -43.40 10.11
N CYS D 38 -25.64 -42.18 10.61
CA CYS D 38 -26.63 -41.14 10.34
C CYS D 38 -26.53 -40.61 8.92
N ALA D 39 -25.38 -40.81 8.26
CA ALA D 39 -25.19 -40.40 6.88
C ALA D 39 -25.79 -41.45 5.96
N ASP D 40 -26.96 -41.16 5.39
CA ASP D 40 -27.62 -42.08 4.47
C ASP D 40 -27.77 -41.53 3.06
N ALA D 41 -27.93 -40.21 2.91
CA ALA D 41 -28.04 -39.57 1.61
C ALA D 41 -27.13 -38.35 1.58
N THR D 42 -26.18 -38.34 0.66
CA THR D 42 -25.30 -37.20 0.51
C THR D 42 -26.05 -36.01 -0.07
N LEU D 43 -25.47 -34.82 0.10
CA LEU D 43 -26.12 -33.60 -0.36
C LEU D 43 -26.09 -33.49 -1.88
N SER D 44 -25.13 -34.14 -2.54
CA SER D 44 -25.09 -34.18 -4.00
C SER D 44 -26.27 -34.94 -4.58
N GLN D 45 -26.78 -35.93 -3.84
CA GLN D 45 -28.00 -36.60 -4.28
C GLN D 45 -29.23 -35.71 -4.12
N ILE D 46 -29.20 -34.80 -3.14
CA ILE D 46 -30.35 -33.95 -2.86
C ILE D 46 -30.39 -32.77 -3.83
N THR D 47 -29.22 -32.23 -4.18
CA THR D 47 -29.14 -30.94 -4.86
C THR D 47 -29.34 -31.03 -6.37
N ASN D 48 -29.61 -32.23 -6.91
CA ASN D 48 -29.81 -32.37 -8.35
C ASN D 48 -31.11 -31.73 -8.83
N ASN D 49 -32.08 -31.56 -7.94
CA ASN D 49 -33.37 -31.00 -8.33
C ASN D 49 -33.34 -29.48 -8.42
N ILE D 50 -32.54 -28.82 -7.59
CA ILE D 50 -32.57 -27.36 -7.50
C ILE D 50 -31.96 -26.75 -8.76
N ASP D 51 -32.40 -25.54 -9.10
CA ASP D 51 -31.95 -24.83 -10.29
C ASP D 51 -30.54 -24.30 -10.09
N PRO D 52 -29.56 -24.70 -10.92
CA PRO D 52 -28.23 -24.10 -10.83
C PRO D 52 -28.18 -22.66 -11.33
N VAL D 53 -28.03 -21.73 -10.41
CA VAL D 53 -27.95 -20.31 -10.75
C VAL D 53 -26.57 -19.81 -10.35
N GLY D 54 -25.57 -20.69 -10.46
CA GLY D 54 -24.24 -20.36 -9.97
C GLY D 54 -23.51 -19.35 -10.83
N ARG D 55 -23.62 -19.47 -12.15
CA ARG D 55 -22.82 -18.70 -13.11
C ARG D 55 -23.04 -17.20 -13.01
N ILE D 56 -22.03 -16.49 -12.49
CA ILE D 56 -22.09 -15.06 -12.29
C ILE D 56 -20.80 -14.43 -12.80
N GLN D 57 -20.83 -13.11 -12.97
CA GLN D 57 -19.66 -12.32 -13.33
C GLN D 57 -19.65 -11.08 -12.45
N MET D 58 -18.52 -10.84 -11.78
CA MET D 58 -18.38 -9.71 -10.87
C MET D 58 -17.13 -8.93 -11.24
N ARG D 59 -17.32 -7.69 -11.67
CA ARG D 59 -16.20 -6.82 -12.00
C ARG D 59 -15.73 -6.08 -10.75
N THR D 60 -14.43 -5.78 -10.71
CA THR D 60 -13.88 -4.97 -9.63
C THR D 60 -14.38 -3.53 -9.72
N ARG D 61 -14.91 -3.01 -8.62
CA ARG D 61 -15.44 -1.65 -8.61
C ARG D 61 -14.47 -0.65 -7.97
N ARG D 62 -13.76 -1.06 -6.92
CA ARG D 62 -12.77 -0.22 -6.27
C ARG D 62 -11.47 -0.97 -6.13
N THR D 63 -10.37 -0.26 -6.33
CA THR D 63 -9.02 -0.80 -6.08
C THR D 63 -8.36 0.10 -5.05
N LEU D 64 -8.21 -0.41 -3.83
CA LEU D 64 -7.77 0.39 -2.70
C LEU D 64 -6.24 0.41 -2.70
N ARG D 65 -5.66 1.50 -3.18
CA ARG D 65 -4.20 1.61 -3.35
C ARG D 65 -3.64 2.50 -2.24
N GLY D 66 -3.27 1.87 -1.11
CA GLY D 66 -2.64 2.63 -0.05
C GLY D 66 -1.51 1.92 0.66
N HIS D 67 -1.34 0.63 0.39
CA HIS D 67 -0.36 -0.18 1.09
C HIS D 67 0.91 -0.32 0.27
N LEU D 68 2.05 -0.27 0.95
CA LEU D 68 3.35 -0.47 0.31
C LEU D 68 3.93 -1.85 0.60
N ALA D 69 3.18 -2.72 1.27
CA ALA D 69 3.60 -4.09 1.53
C ALA D 69 2.38 -4.99 1.46
N LYS D 70 2.63 -6.30 1.54
CA LYS D 70 1.58 -7.30 1.39
C LYS D 70 0.54 -7.22 2.50
N ILE D 71 -0.73 -7.30 2.09
CA ILE D 71 -1.87 -7.16 2.99
C ILE D 71 -2.18 -8.53 3.58
N TYR D 72 -1.98 -8.70 4.88
CA TYR D 72 -2.24 -10.02 5.44
C TYR D 72 -3.70 -10.26 5.80
N ALA D 73 -4.43 -9.24 6.23
CA ALA D 73 -5.82 -9.48 6.59
C ALA D 73 -6.64 -8.21 6.47
N MET D 74 -7.96 -8.42 6.38
CA MET D 74 -8.94 -7.36 6.35
C MET D 74 -10.22 -7.84 7.01
N HIS D 75 -11.04 -6.90 7.47
CA HIS D 75 -12.34 -7.24 8.03
C HIS D 75 -13.31 -6.12 7.71
N TRP D 76 -14.60 -6.45 7.65
CA TRP D 76 -15.65 -5.51 7.32
C TRP D 76 -16.44 -5.08 8.55
N GLY D 77 -16.74 -3.78 8.63
CA GLY D 77 -17.66 -3.30 9.63
C GLY D 77 -19.09 -3.73 9.36
N THR D 78 -19.91 -3.67 10.42
CA THR D 78 -21.32 -4.01 10.29
C THR D 78 -22.07 -2.99 9.43
N ASP D 79 -21.65 -1.72 9.46
CA ASP D 79 -22.19 -0.72 8.55
C ASP D 79 -21.78 -0.98 7.10
N SER D 80 -20.72 -1.75 6.88
CA SER D 80 -20.24 -2.24 5.58
C SER D 80 -19.75 -1.12 4.68
N ARG D 81 -19.33 0.00 5.26
CA ARG D 81 -18.56 1.00 4.55
C ARG D 81 -17.10 1.02 4.97
N LEU D 82 -16.82 0.97 6.26
CA LEU D 82 -15.45 1.03 6.75
C LEU D 82 -14.89 -0.36 6.99
N LEU D 83 -13.79 -0.67 6.32
CA LEU D 83 -13.13 -1.95 6.46
C LEU D 83 -11.67 -1.78 6.87
N VAL D 84 -11.27 -2.46 7.93
CA VAL D 84 -9.88 -2.41 8.37
C VAL D 84 -9.01 -3.25 7.43
N SER D 85 -7.75 -2.84 7.23
CA SER D 85 -6.82 -3.59 6.40
C SER D 85 -5.42 -3.44 6.96
N ALA D 86 -4.75 -4.56 7.25
CA ALA D 86 -3.46 -4.55 7.93
C ALA D 86 -2.40 -5.15 7.02
N SER D 87 -1.29 -4.43 6.84
CA SER D 87 -0.22 -4.91 5.98
C SER D 87 1.11 -4.83 6.70
N GLN D 88 2.16 -5.32 6.03
CA GLN D 88 3.49 -5.43 6.60
C GLN D 88 4.27 -4.13 6.65
N ASP D 89 3.74 -3.04 6.09
CA ASP D 89 4.40 -1.75 6.25
C ASP D 89 4.16 -1.10 7.61
N GLY D 90 3.68 -1.84 8.60
CA GLY D 90 3.37 -1.28 9.90
C GLY D 90 2.14 -0.43 9.89
N LYS D 91 1.23 -0.67 8.94
CA LYS D 91 0.08 0.19 8.75
C LYS D 91 -1.20 -0.63 8.76
N LEU D 92 -2.13 -0.20 9.59
CA LEU D 92 -3.49 -0.72 9.66
C LEU D 92 -4.38 0.41 9.16
N ILE D 93 -4.59 0.42 7.85
CA ILE D 93 -5.38 1.45 7.20
C ILE D 93 -6.85 1.06 7.26
N ILE D 94 -7.68 1.96 7.79
CA ILE D 94 -9.12 1.80 7.75
C ILE D 94 -9.64 2.61 6.57
N TRP D 95 -10.18 1.89 5.59
CA TRP D 95 -10.68 2.44 4.33
C TRP D 95 -12.16 2.72 4.42
N ASP D 96 -12.60 3.70 3.62
CA ASP D 96 -14.00 3.90 3.29
C ASP D 96 -14.24 3.28 1.93
N SER D 97 -15.16 2.31 1.87
CA SER D 97 -15.30 1.48 0.68
C SER D 97 -15.97 2.22 -0.47
N TYR D 98 -16.99 3.02 -0.15
CA TYR D 98 -17.78 3.66 -1.21
C TYR D 98 -16.97 4.75 -1.92
N THR D 99 -16.28 5.58 -1.15
CA THR D 99 -15.62 6.77 -1.69
C THR D 99 -14.12 6.60 -1.87
N THR D 100 -13.59 5.40 -1.62
CA THR D 100 -12.19 5.00 -1.81
C THR D 100 -11.25 5.82 -0.91
N ASN D 101 -11.76 6.37 0.19
CA ASN D 101 -11.00 7.25 1.06
C ASN D 101 -10.40 6.46 2.22
N LYS D 102 -9.12 6.70 2.47
CA LYS D 102 -8.46 6.15 3.64
C LYS D 102 -8.86 6.98 4.84
N VAL D 103 -9.76 6.44 5.66
CA VAL D 103 -10.24 7.16 6.83
C VAL D 103 -9.15 7.27 7.88
N HIS D 104 -8.55 6.15 8.24
CA HIS D 104 -7.50 6.13 9.26
C HIS D 104 -6.31 5.35 8.74
N ALA D 105 -5.13 5.64 9.30
CA ALA D 105 -3.92 4.86 9.02
C ALA D 105 -3.16 4.69 10.34
N ILE D 106 -3.50 3.65 11.08
CA ILE D 106 -2.91 3.37 12.38
C ILE D 106 -1.48 2.86 12.20
N PRO D 107 -0.48 3.53 12.78
CA PRO D 107 0.86 2.96 12.80
C PRO D 107 0.98 1.83 13.82
N LEU D 108 1.86 0.88 13.52
CA LEU D 108 2.00 -0.33 14.33
C LEU D 108 3.35 -0.34 15.03
N ARG D 109 3.34 -0.78 16.28
CA ARG D 109 4.58 -0.93 17.03
C ARG D 109 5.44 -2.04 16.44
N SER D 110 4.84 -3.21 16.23
CA SER D 110 5.46 -4.31 15.52
C SER D 110 4.77 -4.48 14.17
N SER D 111 5.53 -4.26 13.09
CA SER D 111 4.98 -4.28 11.74
C SER D 111 4.56 -5.67 11.26
N TRP D 112 4.97 -6.72 11.97
CA TRP D 112 4.75 -8.10 11.53
C TRP D 112 3.38 -8.52 12.04
N VAL D 113 2.37 -8.41 11.18
CA VAL D 113 1.00 -8.73 11.53
C VAL D 113 0.52 -9.93 10.72
N MET D 114 -0.42 -10.66 11.31
CA MET D 114 -1.10 -11.76 10.63
C MET D 114 -2.59 -11.54 10.48
N THR D 115 -3.16 -10.59 11.22
CA THR D 115 -4.61 -10.51 11.37
C THR D 115 -4.99 -9.09 11.77
N CYS D 116 -6.29 -8.83 11.75
CA CYS D 116 -6.92 -7.59 12.18
C CYS D 116 -8.43 -7.80 12.21
N ALA D 117 -9.11 -7.01 13.03
CA ALA D 117 -10.53 -7.14 13.24
C ALA D 117 -11.15 -5.76 13.38
N TYR D 118 -12.46 -5.71 13.15
CA TYR D 118 -13.23 -4.47 13.24
C TYR D 118 -14.43 -4.76 14.13
N ALA D 119 -14.53 -4.04 15.25
CA ALA D 119 -15.58 -4.28 16.25
C ALA D 119 -16.97 -4.06 15.65
N PRO D 120 -17.98 -4.80 16.15
CA PRO D 120 -19.35 -4.60 15.65
C PRO D 120 -19.90 -3.21 15.91
N SER D 121 -19.51 -2.56 17.00
CA SER D 121 -19.96 -1.20 17.24
C SER D 121 -19.24 -0.20 16.34
N GLY D 122 -18.02 -0.53 15.93
CA GLY D 122 -17.19 0.37 15.16
C GLY D 122 -16.25 1.22 16.00
N ASN D 123 -16.22 1.01 17.31
CA ASN D 123 -15.39 1.83 18.19
C ASN D 123 -13.93 1.37 18.18
N TYR D 124 -13.69 0.07 18.09
CA TYR D 124 -12.38 -0.51 18.27
C TYR D 124 -11.94 -1.27 17.02
N VAL D 125 -10.63 -1.36 16.83
CA VAL D 125 -10.05 -2.37 15.95
C VAL D 125 -9.06 -3.19 16.74
N ALA D 126 -8.76 -4.38 16.25
CA ALA D 126 -7.74 -5.23 16.84
C ALA D 126 -6.66 -5.53 15.82
N CYS D 127 -5.56 -6.07 16.33
CA CYS D 127 -4.40 -6.34 15.50
C CYS D 127 -3.47 -7.29 16.24
N GLY D 128 -2.73 -8.08 15.49
CA GLY D 128 -1.82 -9.03 16.10
C GLY D 128 -1.03 -9.75 15.02
N GLY D 129 0.07 -10.35 15.46
CA GLY D 129 0.96 -11.00 14.51
C GLY D 129 2.11 -11.73 15.16
N LEU D 130 3.32 -11.53 14.63
CA LEU D 130 4.50 -12.23 15.13
C LEU D 130 4.95 -11.73 16.50
N ASP D 131 4.48 -10.58 16.94
CA ASP D 131 4.80 -10.07 18.28
C ASP D 131 4.00 -10.72 19.39
N ASN D 132 3.16 -11.71 19.07
CA ASN D 132 2.21 -12.48 19.89
C ASN D 132 1.47 -11.64 20.92
N ILE D 133 1.05 -10.44 20.51
CA ILE D 133 0.38 -9.48 21.36
C ILE D 133 -0.80 -8.90 20.58
N CYS D 134 -2.01 -9.11 21.10
CA CYS D 134 -3.22 -8.52 20.50
C CYS D 134 -3.34 -7.07 20.94
N SER D 135 -3.05 -6.14 20.05
CA SER D 135 -3.19 -4.73 20.34
C SER D 135 -4.54 -4.25 19.84
N ILE D 136 -5.31 -3.63 20.73
CA ILE D 136 -6.63 -3.10 20.42
C ILE D 136 -6.57 -1.58 20.45
N TYR D 137 -7.04 -0.95 19.37
CA TYR D 137 -6.97 0.48 19.13
C TYR D 137 -8.37 1.08 19.22
N ASN D 138 -8.58 1.95 20.20
CA ASN D 138 -9.78 2.76 20.30
C ASN D 138 -9.78 3.82 19.20
N LEU D 139 -10.77 3.77 18.31
CA LEU D 139 -10.85 4.74 17.23
C LEU D 139 -11.50 6.05 17.69
N LYS D 140 -12.75 5.97 18.13
CA LYS D 140 -13.55 7.15 18.45
C LYS D 140 -13.11 7.69 19.81
N THR D 141 -12.08 8.52 19.77
CA THR D 141 -11.54 9.17 20.95
C THR D 141 -11.62 10.69 20.79
N ARG D 142 -11.49 11.40 21.91
CA ARG D 142 -11.63 12.84 21.89
C ARG D 142 -10.40 13.53 21.31
N GLN D 143 -9.23 12.90 21.41
CA GLN D 143 -8.07 13.37 20.67
C GLN D 143 -8.21 13.01 19.19
N GLY D 144 -7.28 13.50 18.39
CA GLY D 144 -7.28 13.22 16.98
C GLY D 144 -6.78 11.84 16.61
N ASN D 145 -5.63 11.46 17.15
CA ASN D 145 -4.98 10.24 16.74
C ASN D 145 -5.64 9.02 17.38
N VAL D 146 -5.48 7.88 16.72
CA VAL D 146 -5.94 6.61 17.26
C VAL D 146 -4.89 6.08 18.22
N ARG D 147 -5.28 5.84 19.47
CA ARG D 147 -4.38 5.39 20.51
C ARG D 147 -4.56 3.91 20.77
N VAL D 148 -3.51 3.29 21.31
CA VAL D 148 -3.59 1.90 21.75
C VAL D 148 -4.53 1.86 22.95
N SER D 149 -5.74 1.32 22.76
CA SER D 149 -6.65 1.15 23.88
C SER D 149 -6.10 0.13 24.87
N ARG D 150 -5.91 -1.11 24.41
CA ARG D 150 -5.40 -2.16 25.29
C ARG D 150 -4.33 -2.96 24.56
N GLU D 151 -3.48 -3.60 25.35
CA GLU D 151 -2.36 -4.39 24.85
C GLU D 151 -2.39 -5.76 25.53
N LEU D 152 -2.91 -6.76 24.83
CA LEU D 152 -3.13 -8.09 25.41
C LEU D 152 -1.92 -8.97 25.12
N ALA D 153 -1.19 -9.33 26.18
CA ALA D 153 0.04 -10.13 26.06
C ALA D 153 -0.08 -11.36 26.95
N GLY D 154 -0.66 -12.43 26.41
CA GLY D 154 -0.78 -13.67 27.15
C GLY D 154 -0.50 -14.92 26.34
N HIS D 155 -0.15 -14.75 25.07
CA HIS D 155 0.13 -15.86 24.18
C HIS D 155 1.64 -16.03 23.97
N THR D 156 2.04 -17.28 23.75
CA THR D 156 3.43 -17.60 23.44
C THR D 156 3.69 -17.56 21.93
N GLY D 157 2.75 -18.07 21.13
CA GLY D 157 2.89 -18.11 19.70
C GLY D 157 2.13 -16.97 19.03
N TYR D 158 2.55 -16.69 17.79
CA TYR D 158 1.95 -15.65 16.94
C TYR D 158 0.44 -15.76 16.88
N LEU D 159 -0.24 -14.62 16.89
CA LEU D 159 -1.67 -14.62 16.63
C LEU D 159 -1.92 -14.88 15.16
N SER D 160 -3.04 -15.54 14.88
CA SER D 160 -3.41 -15.81 13.51
C SER D 160 -4.75 -15.24 13.12
N CYS D 161 -5.72 -15.19 14.04
CA CYS D 161 -7.03 -14.60 13.77
C CYS D 161 -7.67 -14.21 15.09
N CYS D 162 -8.12 -12.95 15.17
CA CYS D 162 -8.80 -12.42 16.34
C CYS D 162 -10.11 -11.79 15.90
N ARG D 163 -11.17 -11.98 16.70
CA ARG D 163 -12.50 -11.49 16.36
C ARG D 163 -13.18 -10.88 17.57
N PHE D 164 -13.73 -9.68 17.42
CA PHE D 164 -14.50 -9.05 18.48
C PHE D 164 -15.86 -9.72 18.65
N LEU D 165 -16.09 -10.34 19.81
CA LEU D 165 -17.47 -10.64 20.21
C LEU D 165 -18.25 -9.36 20.46
N ASP D 166 -17.71 -8.49 21.32
CA ASP D 166 -18.35 -7.25 21.72
C ASP D 166 -17.27 -6.18 21.75
N ASP D 167 -17.57 -5.05 22.39
CA ASP D 167 -16.55 -4.06 22.70
C ASP D 167 -15.69 -4.48 23.90
N ASN D 168 -16.18 -5.41 24.71
CA ASN D 168 -15.52 -5.80 25.95
C ASN D 168 -14.86 -7.17 25.88
N GLN D 169 -15.33 -8.05 25.02
CA GLN D 169 -14.80 -9.41 24.89
C GLN D 169 -14.21 -9.60 23.51
N ILE D 170 -13.10 -10.33 23.44
CA ILE D 170 -12.49 -10.68 22.15
C ILE D 170 -11.94 -12.09 22.23
N VAL D 171 -12.13 -12.86 21.18
CA VAL D 171 -11.46 -14.14 21.06
C VAL D 171 -10.23 -13.96 20.19
N THR D 172 -9.22 -14.79 20.46
CA THR D 172 -8.00 -14.85 19.66
C THR D 172 -7.63 -16.32 19.47
N SER D 173 -6.82 -16.57 18.45
CA SER D 173 -6.31 -17.91 18.17
C SER D 173 -4.85 -17.78 17.79
N SER D 174 -3.97 -18.32 18.61
CA SER D 174 -2.56 -18.09 18.42
C SER D 174 -1.84 -19.38 18.04
N GLY D 175 -0.54 -19.25 17.79
CA GLY D 175 0.35 -20.33 17.46
C GLY D 175 0.91 -21.08 18.64
N ASP D 176 0.42 -20.79 19.85
CA ASP D 176 0.75 -21.56 21.04
C ASP D 176 -0.27 -22.63 21.34
N THR D 177 -0.96 -23.13 20.29
CA THR D 177 -1.85 -24.27 20.22
C THR D 177 -3.23 -23.93 20.84
N THR D 178 -3.38 -22.78 21.48
CA THR D 178 -4.56 -22.46 22.28
C THR D 178 -5.28 -21.25 21.70
N CYS D 179 -6.61 -21.24 21.87
CA CYS D 179 -7.39 -20.03 21.65
C CYS D 179 -7.64 -19.38 23.01
N ALA D 180 -8.17 -18.15 22.98
CA ALA D 180 -8.34 -17.42 24.23
C ALA D 180 -9.47 -16.41 24.12
N LEU D 181 -10.44 -16.51 25.02
CA LEU D 181 -11.40 -15.45 25.27
C LEU D 181 -10.84 -14.48 26.30
N TRP D 182 -10.78 -13.21 25.91
CA TRP D 182 -10.24 -12.10 26.68
C TRP D 182 -11.37 -11.14 27.06
N ASP D 183 -11.26 -10.56 28.26
CA ASP D 183 -11.98 -9.35 28.60
C ASP D 183 -11.05 -8.17 28.37
N ILE D 184 -11.50 -7.20 27.57
CA ILE D 184 -10.61 -6.17 27.07
C ILE D 184 -10.30 -5.12 28.14
N GLU D 185 -11.32 -4.68 28.88
CA GLU D 185 -11.10 -3.69 29.93
C GLU D 185 -10.30 -4.26 31.10
N THR D 186 -10.42 -5.56 31.35
CA THR D 186 -9.62 -6.19 32.39
C THR D 186 -8.18 -6.34 31.94
N GLY D 187 -7.97 -6.88 30.73
CA GLY D 187 -6.66 -7.02 30.15
C GLY D 187 -6.06 -8.40 30.23
N GLN D 188 -6.76 -9.37 30.82
CA GLN D 188 -6.25 -10.73 30.97
C GLN D 188 -7.24 -11.71 30.37
N GLN D 189 -6.73 -12.87 29.97
CA GLN D 189 -7.56 -13.86 29.30
C GLN D 189 -8.44 -14.57 30.31
N THR D 190 -9.74 -14.58 30.05
CA THR D 190 -10.68 -15.21 30.96
C THR D 190 -10.82 -16.69 30.67
N THR D 191 -11.03 -17.07 29.42
CA THR D 191 -11.17 -18.46 29.04
C THR D 191 -10.02 -18.84 28.13
N THR D 192 -9.45 -20.03 28.34
CA THR D 192 -8.42 -20.57 27.46
C THR D 192 -8.93 -21.86 26.85
N PHE D 193 -8.79 -21.98 25.53
CA PHE D 193 -9.29 -23.12 24.77
C PHE D 193 -8.08 -23.97 24.37
N THR D 194 -7.98 -25.17 24.94
CA THR D 194 -6.80 -26.02 24.82
C THR D 194 -7.12 -27.39 24.25
N GLY D 195 -7.84 -27.43 23.13
CA GLY D 195 -8.23 -28.71 22.56
C GLY D 195 -7.37 -29.16 21.41
N HIS D 196 -6.84 -28.22 20.64
CA HIS D 196 -6.07 -28.55 19.45
C HIS D 196 -4.70 -29.11 19.84
N THR D 197 -4.10 -29.83 18.89
CA THR D 197 -2.70 -30.24 19.01
C THR D 197 -1.77 -29.44 18.11
N GLY D 198 -2.27 -28.88 17.00
CA GLY D 198 -1.48 -28.04 16.12
C GLY D 198 -1.77 -26.56 16.33
N ASP D 199 -1.09 -25.74 15.52
CA ASP D 199 -1.24 -24.30 15.62
C ASP D 199 -2.55 -23.84 14.98
N VAL D 200 -3.29 -23.01 15.72
CA VAL D 200 -4.65 -22.64 15.34
C VAL D 200 -4.58 -21.45 14.40
N MET D 201 -5.00 -21.67 13.15
CA MET D 201 -4.86 -20.67 12.09
C MET D 201 -6.05 -19.71 11.95
N SER D 202 -7.28 -20.11 12.26
CA SER D 202 -8.38 -19.21 11.98
C SER D 202 -9.54 -19.40 12.95
N LEU D 203 -10.30 -18.32 13.16
CA LEU D 203 -11.54 -18.32 13.93
C LEU D 203 -12.69 -17.84 13.05
N SER D 204 -13.90 -18.29 13.38
CA SER D 204 -15.10 -17.65 12.85
C SER D 204 -16.23 -17.85 13.85
N LEU D 205 -17.00 -16.79 14.06
CA LEU D 205 -18.05 -16.74 15.05
C LEU D 205 -19.41 -17.02 14.42
N ALA D 206 -20.26 -17.72 15.16
CA ALA D 206 -21.65 -17.85 14.79
C ALA D 206 -22.34 -16.48 14.93
N PRO D 207 -23.33 -16.19 14.06
CA PRO D 207 -23.99 -14.86 14.11
C PRO D 207 -24.74 -14.53 15.40
N ASP D 208 -24.99 -15.50 16.28
CA ASP D 208 -25.52 -15.17 17.60
C ASP D 208 -24.42 -14.89 18.63
N THR D 209 -23.15 -15.10 18.24
CA THR D 209 -21.96 -14.88 19.08
C THR D 209 -22.02 -15.69 20.38
N ARG D 210 -22.58 -16.89 20.30
CA ARG D 210 -22.64 -17.81 21.43
C ARG D 210 -21.56 -18.89 21.36
N LEU D 211 -21.15 -19.24 20.15
CA LEU D 211 -20.17 -20.30 19.92
C LEU D 211 -19.38 -19.96 18.67
N PHE D 212 -18.18 -20.53 18.57
CA PHE D 212 -17.32 -20.28 17.42
C PHE D 212 -16.65 -21.58 17.00
N VAL D 213 -15.96 -21.54 15.86
CA VAL D 213 -15.16 -22.66 15.40
C VAL D 213 -13.76 -22.16 15.10
N SER D 214 -12.80 -23.08 15.22
CA SER D 214 -11.40 -22.76 15.04
C SER D 214 -10.75 -23.84 14.17
N GLY D 215 -10.05 -23.40 13.13
CA GLY D 215 -9.31 -24.31 12.27
C GLY D 215 -7.83 -24.25 12.61
N ALA D 216 -7.25 -25.41 12.88
CA ALA D 216 -5.85 -25.54 13.25
C ALA D 216 -5.09 -26.36 12.21
N CYS D 217 -3.78 -26.52 12.44
CA CYS D 217 -2.90 -27.25 11.55
C CYS D 217 -2.91 -28.76 11.79
N ASP D 218 -3.83 -29.27 12.61
CA ASP D 218 -4.03 -30.71 12.75
C ASP D 218 -5.11 -31.22 11.80
N ALA D 219 -5.50 -30.39 10.82
CA ALA D 219 -6.62 -30.64 9.90
C ALA D 219 -7.93 -30.92 10.64
N SER D 220 -8.12 -30.26 11.79
CA SER D 220 -9.29 -30.47 12.62
C SER D 220 -9.89 -29.13 12.99
N ALA D 221 -11.16 -28.95 12.69
CA ALA D 221 -11.90 -27.74 13.01
C ALA D 221 -12.75 -28.02 14.25
N LYS D 222 -12.46 -27.33 15.34
CA LYS D 222 -13.11 -27.58 16.61
C LYS D 222 -14.12 -26.48 16.90
N LEU D 223 -15.35 -26.89 17.20
CA LEU D 223 -16.41 -25.98 17.63
C LEU D 223 -16.38 -25.88 19.14
N TRP D 224 -16.10 -24.67 19.62
CA TRP D 224 -16.10 -24.28 21.02
C TRP D 224 -17.35 -23.45 21.30
N ASP D 225 -17.77 -23.46 22.57
CA ASP D 225 -18.78 -22.51 23.03
C ASP D 225 -18.11 -21.47 23.93
N VAL D 226 -18.59 -20.23 23.83
CA VAL D 226 -17.92 -19.11 24.48
C VAL D 226 -18.16 -19.12 25.99
N ARG D 227 -19.39 -19.38 26.41
CA ARG D 227 -19.77 -19.21 27.81
C ARG D 227 -19.18 -20.32 28.69
N GLU D 228 -19.32 -21.57 28.26
CA GLU D 228 -18.83 -22.70 29.06
C GLU D 228 -17.31 -22.81 29.00
N GLY D 229 -16.76 -22.84 27.78
CA GLY D 229 -15.34 -22.97 27.60
C GLY D 229 -14.84 -24.37 27.36
N MET D 230 -15.70 -25.26 26.86
CA MET D 230 -15.36 -26.65 26.61
C MET D 230 -15.59 -26.97 25.14
N CYS D 231 -14.83 -27.92 24.61
CA CYS D 231 -14.95 -28.28 23.21
C CYS D 231 -16.23 -29.08 22.99
N ARG D 232 -17.11 -28.56 22.14
CA ARG D 232 -18.33 -29.28 21.84
C ARG D 232 -18.15 -30.25 20.68
N GLN D 233 -17.65 -29.76 19.54
CA GLN D 233 -17.57 -30.61 18.36
C GLN D 233 -16.17 -30.59 17.76
N THR D 234 -15.82 -31.66 17.06
CA THR D 234 -14.53 -31.79 16.39
C THR D 234 -14.74 -32.38 15.00
N PHE D 235 -14.25 -31.69 13.98
CA PHE D 235 -14.43 -32.07 12.58
C PHE D 235 -13.06 -32.37 11.99
N THR D 236 -12.80 -33.64 11.71
CA THR D 236 -11.51 -34.09 11.19
C THR D 236 -11.74 -34.77 9.83
N GLY D 237 -11.78 -33.94 8.78
CA GLY D 237 -12.03 -34.43 7.45
C GLY D 237 -10.93 -34.15 6.45
N HIS D 238 -10.06 -33.20 6.78
CA HIS D 238 -9.00 -32.78 5.87
C HIS D 238 -7.75 -33.62 6.04
N GLU D 239 -6.98 -33.70 4.96
CA GLU D 239 -5.66 -34.33 4.99
C GLU D 239 -4.55 -33.36 5.33
N SER D 240 -4.65 -32.11 4.87
CA SER D 240 -3.64 -31.09 5.09
C SER D 240 -4.15 -30.03 6.05
N ASP D 241 -3.21 -29.18 6.46
CA ASP D 241 -3.46 -28.16 7.47
C ASP D 241 -4.44 -27.07 7.01
N ILE D 242 -5.29 -26.63 7.93
CA ILE D 242 -6.37 -25.69 7.66
C ILE D 242 -5.82 -24.27 7.72
N ASN D 243 -6.18 -23.44 6.74
CA ASN D 243 -5.83 -22.03 6.76
C ASN D 243 -7.01 -21.10 6.95
N ALA D 244 -8.23 -21.54 6.68
CA ALA D 244 -9.37 -20.63 6.69
C ALA D 244 -10.62 -21.35 7.16
N ILE D 245 -11.43 -20.65 7.94
CA ILE D 245 -12.67 -21.17 8.48
C ILE D 245 -13.71 -20.05 8.34
N CYS D 246 -14.97 -20.42 8.08
CA CYS D 246 -16.03 -19.42 8.00
C CYS D 246 -17.39 -20.05 8.22
N PHE D 247 -18.16 -19.51 9.17
CA PHE D 247 -19.52 -19.96 9.41
C PHE D 247 -20.46 -19.64 8.24
N PHE D 248 -21.50 -20.44 8.12
CA PHE D 248 -22.63 -20.23 7.25
C PHE D 248 -23.53 -19.16 7.89
N PRO D 249 -24.21 -18.34 7.07
CA PRO D 249 -25.12 -17.32 7.64
C PRO D 249 -26.24 -17.84 8.52
N ASP D 250 -26.63 -19.11 8.39
CA ASP D 250 -27.56 -19.69 9.35
C ASP D 250 -26.90 -19.87 10.70
N GLY D 251 -25.63 -20.27 10.71
CA GLY D 251 -24.92 -20.58 11.94
C GLY D 251 -24.90 -22.04 12.28
N ASN D 252 -25.48 -22.89 11.44
CA ASN D 252 -25.51 -24.34 11.64
C ASN D 252 -24.52 -25.07 10.74
N ALA D 253 -23.69 -24.35 10.00
CA ALA D 253 -22.69 -24.97 9.15
C ALA D 253 -21.48 -24.03 9.04
N PHE D 254 -20.37 -24.57 8.55
CA PHE D 254 -19.20 -23.75 8.26
C PHE D 254 -18.37 -24.39 7.17
N ALA D 255 -17.74 -23.57 6.34
CA ALA D 255 -16.80 -24.06 5.34
C ALA D 255 -15.37 -23.97 5.85
N THR D 256 -14.52 -24.84 5.31
CA THR D 256 -13.14 -24.99 5.78
C THR D 256 -12.21 -25.07 4.58
N GLY D 257 -11.28 -24.13 4.50
CA GLY D 257 -10.27 -24.14 3.45
C GLY D 257 -8.89 -24.54 3.95
N SER D 258 -8.31 -25.58 3.35
CA SER D 258 -7.03 -26.12 3.74
C SER D 258 -6.02 -26.01 2.60
N ASP D 259 -4.81 -26.51 2.83
CA ASP D 259 -3.80 -26.56 1.78
C ASP D 259 -3.92 -27.80 0.90
N ASP D 260 -4.91 -28.65 1.16
CA ASP D 260 -5.16 -29.87 0.40
C ASP D 260 -5.95 -29.61 -0.90
N ALA D 261 -6.01 -28.34 -1.34
CA ALA D 261 -6.71 -27.81 -2.51
C ALA D 261 -8.23 -27.98 -2.43
N THR D 262 -8.75 -28.39 -1.29
CA THR D 262 -10.17 -28.71 -1.13
C THR D 262 -10.71 -27.89 0.02
N CYS D 263 -11.76 -27.12 -0.23
CA CYS D 263 -12.50 -26.49 0.85
C CYS D 263 -13.82 -27.24 1.01
N ARG D 264 -14.14 -27.65 2.23
CA ARG D 264 -15.30 -28.51 2.43
C ARG D 264 -16.22 -27.94 3.51
N LEU D 265 -17.52 -28.02 3.23
CA LEU D 265 -18.51 -27.60 4.20
C LEU D 265 -18.73 -28.68 5.26
N PHE D 266 -18.93 -28.25 6.50
CA PHE D 266 -19.22 -29.11 7.64
C PHE D 266 -20.54 -28.68 8.26
N ASP D 267 -21.39 -29.65 8.56
CA ASP D 267 -22.69 -29.41 9.19
C ASP D 267 -22.56 -29.69 10.68
N LEU D 268 -23.10 -28.78 11.50
CA LEU D 268 -22.95 -28.91 12.95
C LEU D 268 -23.92 -29.93 13.53
N ARG D 269 -25.18 -29.88 13.09
CA ARG D 269 -26.19 -30.79 13.62
C ARG D 269 -25.99 -32.20 13.09
N ALA D 270 -25.53 -32.34 11.83
CA ALA D 270 -25.19 -33.66 11.30
C ALA D 270 -23.90 -34.18 11.92
N ASP D 271 -22.91 -33.29 12.09
CA ASP D 271 -21.60 -33.51 12.75
C ASP D 271 -20.66 -34.38 11.89
N GLN D 272 -20.68 -34.15 10.57
CA GLN D 272 -19.62 -34.61 9.67
C GLN D 272 -19.64 -33.73 8.41
N GLU D 273 -18.82 -34.10 7.43
CA GLU D 273 -18.80 -33.44 6.13
C GLU D 273 -20.15 -33.54 5.44
N LEU D 274 -20.49 -32.50 4.69
CA LEU D 274 -21.56 -32.59 3.72
C LEU D 274 -21.04 -32.74 2.30
N MET D 275 -20.11 -31.87 1.89
CA MET D 275 -19.64 -31.85 0.52
C MET D 275 -18.29 -31.14 0.46
N THR D 276 -17.56 -31.44 -0.60
CA THR D 276 -16.21 -30.93 -0.83
C THR D 276 -16.17 -30.14 -2.13
N TYR D 277 -15.59 -28.96 -2.09
CA TYR D 277 -15.44 -28.07 -3.23
C TYR D 277 -13.99 -28.17 -3.68
N SER D 278 -13.76 -28.99 -4.72
CA SER D 278 -12.42 -29.26 -5.24
C SER D 278 -12.49 -29.39 -6.76
N HIS D 279 -11.56 -28.74 -7.45
CA HIS D 279 -11.42 -28.85 -8.89
C HIS D 279 -10.10 -29.56 -9.20
N ASP D 280 -10.04 -30.20 -10.37
CA ASP D 280 -8.94 -31.10 -10.69
C ASP D 280 -7.64 -30.34 -10.96
N ASN D 281 -7.71 -29.24 -11.71
CA ASN D 281 -6.49 -28.58 -12.17
C ASN D 281 -5.77 -27.79 -11.09
N ILE D 282 -6.46 -27.43 -10.01
CA ILE D 282 -5.87 -26.60 -8.95
C ILE D 282 -5.27 -27.50 -7.87
N ILE D 283 -3.96 -27.39 -7.70
CA ILE D 283 -3.24 -28.02 -6.59
C ILE D 283 -2.83 -26.99 -5.55
N CYS D 284 -3.30 -25.76 -5.70
CA CYS D 284 -3.00 -24.62 -4.87
C CYS D 284 -3.85 -24.65 -3.59
N GLY D 285 -3.47 -23.84 -2.61
CA GLY D 285 -4.08 -23.87 -1.30
C GLY D 285 -5.04 -22.74 -1.03
N ILE D 286 -6.06 -23.02 -0.23
CA ILE D 286 -7.05 -22.01 0.14
C ILE D 286 -6.51 -21.19 1.31
N THR D 287 -6.50 -19.87 1.14
CA THR D 287 -6.08 -18.95 2.19
C THR D 287 -7.23 -18.23 2.88
N SER D 288 -8.33 -17.95 2.18
CA SER D 288 -9.45 -17.26 2.81
C SER D 288 -10.78 -17.83 2.33
N VAL D 289 -11.69 -18.05 3.27
CA VAL D 289 -13.03 -18.59 3.01
C VAL D 289 -14.06 -17.59 3.54
N SER D 290 -15.05 -17.26 2.71
CA SER D 290 -16.17 -16.46 3.17
C SER D 290 -17.43 -16.87 2.41
N PHE D 291 -18.58 -16.59 3.01
CA PHE D 291 -19.89 -16.87 2.44
C PHE D 291 -20.60 -15.56 2.08
N SER D 292 -21.47 -15.65 1.08
CA SER D 292 -22.35 -14.54 0.75
C SER D 292 -23.49 -14.48 1.77
N LYS D 293 -24.33 -13.45 1.64
CA LYS D 293 -25.35 -13.16 2.65
C LYS D 293 -26.37 -14.29 2.77
N SER D 294 -26.82 -14.84 1.64
CA SER D 294 -27.72 -15.99 1.69
C SER D 294 -26.96 -17.28 1.95
N GLY D 295 -25.78 -17.43 1.34
CA GLY D 295 -25.02 -18.65 1.44
C GLY D 295 -25.16 -19.60 0.27
N ARG D 296 -25.66 -19.12 -0.88
CA ARG D 296 -25.74 -19.97 -2.06
C ARG D 296 -24.38 -20.15 -2.72
N LEU D 297 -23.54 -19.12 -2.67
CA LEU D 297 -22.21 -19.20 -3.26
C LEU D 297 -21.14 -18.94 -2.20
N LEU D 298 -20.08 -19.75 -2.28
CA LEU D 298 -18.97 -19.75 -1.35
C LEU D 298 -17.77 -19.08 -2.01
N LEU D 299 -17.28 -18.02 -1.38
CA LEU D 299 -16.05 -17.39 -1.83
C LEU D 299 -14.86 -18.16 -1.29
N ALA D 300 -13.82 -18.30 -2.11
CA ALA D 300 -12.63 -19.04 -1.67
C ALA D 300 -11.41 -18.44 -2.34
N GLY D 301 -10.51 -17.88 -1.54
CA GLY D 301 -9.29 -17.32 -2.06
C GLY D 301 -8.22 -18.38 -2.12
N TYR D 302 -7.58 -18.49 -3.27
CA TYR D 302 -6.52 -19.47 -3.49
C TYR D 302 -5.18 -18.75 -3.61
N ASP D 303 -4.09 -19.49 -3.47
CA ASP D 303 -2.78 -18.95 -3.78
C ASP D 303 -2.35 -19.30 -5.21
N ASP D 304 -3.33 -19.44 -6.11
CA ASP D 304 -3.12 -19.47 -7.55
C ASP D 304 -3.24 -18.06 -8.15
N PHE D 305 -3.00 -17.04 -7.32
CA PHE D 305 -3.05 -15.61 -7.62
C PHE D 305 -4.45 -15.12 -7.98
N ASN D 306 -5.49 -15.86 -7.59
CA ASN D 306 -6.86 -15.50 -7.92
C ASN D 306 -7.83 -16.11 -6.91
N CYS D 307 -9.11 -15.78 -7.07
CA CYS D 307 -10.16 -16.20 -6.17
C CYS D 307 -11.27 -16.90 -6.95
N ASN D 308 -11.92 -17.88 -6.33
CA ASN D 308 -13.00 -18.60 -6.97
C ASN D 308 -14.30 -18.42 -6.19
N VAL D 309 -15.41 -18.65 -6.90
CA VAL D 309 -16.75 -18.56 -6.36
C VAL D 309 -17.43 -19.88 -6.68
N TRP D 310 -17.57 -20.74 -5.68
CA TRP D 310 -18.20 -22.05 -5.82
C TRP D 310 -19.69 -21.93 -5.58
N ASP D 311 -20.48 -22.66 -6.37
CA ASP D 311 -21.89 -22.83 -6.01
C ASP D 311 -21.96 -23.74 -4.80
N ALA D 312 -22.28 -23.19 -3.63
CA ALA D 312 -22.11 -23.88 -2.36
C ALA D 312 -23.10 -25.03 -2.15
N LEU D 313 -24.07 -25.23 -3.05
CA LEU D 313 -24.96 -26.38 -2.94
C LEU D 313 -24.65 -27.48 -3.94
N LYS D 314 -23.94 -27.17 -5.04
CA LYS D 314 -23.75 -28.13 -6.11
C LYS D 314 -22.27 -28.44 -6.39
N ALA D 315 -21.35 -27.67 -5.80
CA ALA D 315 -19.89 -27.82 -5.93
C ALA D 315 -19.45 -27.69 -7.39
N ASP D 316 -19.82 -26.56 -7.99
CA ASP D 316 -19.39 -26.21 -9.33
C ASP D 316 -18.73 -24.84 -9.27
N ARG D 317 -17.44 -24.80 -9.64
CA ARG D 317 -16.69 -23.54 -9.68
C ARG D 317 -17.33 -22.60 -10.69
N ALA D 318 -18.01 -21.56 -10.20
CA ALA D 318 -18.86 -20.71 -11.00
C ALA D 318 -18.18 -19.41 -11.40
N GLY D 319 -17.64 -18.68 -10.42
CA GLY D 319 -17.00 -17.40 -10.67
C GLY D 319 -15.48 -17.49 -10.54
N VAL D 320 -14.78 -16.73 -11.37
CA VAL D 320 -13.33 -16.61 -11.32
C VAL D 320 -12.99 -15.14 -11.22
N LEU D 321 -12.30 -14.75 -10.15
CA LEU D 321 -11.96 -13.37 -9.83
C LEU D 321 -10.44 -13.27 -9.87
N ALA D 322 -9.90 -12.89 -11.02
CA ALA D 322 -8.45 -12.81 -11.21
C ALA D 322 -8.10 -11.35 -11.52
N GLY D 323 -7.98 -10.54 -10.47
CA GLY D 323 -7.46 -9.20 -10.61
C GLY D 323 -6.18 -8.94 -9.83
N HIS D 324 -5.58 -10.00 -9.29
CA HIS D 324 -4.52 -9.86 -8.29
C HIS D 324 -3.21 -10.40 -8.83
N ASP D 325 -2.14 -9.63 -8.65
CA ASP D 325 -0.82 -9.98 -9.16
C ASP D 325 -0.08 -10.94 -8.26
N ASN D 326 -0.68 -11.37 -7.17
CA ASN D 326 -0.04 -12.23 -6.19
C ASN D 326 -1.16 -12.92 -5.41
N ARG D 327 -0.78 -13.85 -4.53
CA ARG D 327 -1.74 -14.67 -3.81
C ARG D 327 -2.59 -13.84 -2.85
N VAL D 328 -3.90 -14.10 -2.86
CA VAL D 328 -4.81 -13.38 -1.99
C VAL D 328 -4.71 -13.92 -0.58
N SER D 329 -4.38 -13.04 0.37
CA SER D 329 -4.36 -13.47 1.76
C SER D 329 -5.75 -13.52 2.36
N CYS D 330 -6.51 -12.43 2.26
CA CYS D 330 -7.79 -12.40 2.94
C CYS D 330 -8.88 -11.89 2.01
N LEU D 331 -10.12 -12.26 2.33
CA LEU D 331 -11.26 -11.67 1.66
C LEU D 331 -12.44 -11.63 2.63
N GLY D 332 -13.26 -10.61 2.48
CA GLY D 332 -14.42 -10.43 3.33
C GLY D 332 -15.67 -10.03 2.58
N VAL D 333 -16.81 -10.59 2.99
CA VAL D 333 -18.10 -10.28 2.41
C VAL D 333 -18.83 -9.35 3.37
N THR D 334 -19.38 -8.25 2.83
CA THR D 334 -20.04 -7.23 3.62
C THR D 334 -21.25 -7.78 4.37
N ASP D 335 -21.59 -7.10 5.47
CA ASP D 335 -22.69 -7.56 6.34
C ASP D 335 -24.03 -7.46 5.63
N ASP D 336 -24.24 -6.41 4.83
CA ASP D 336 -25.44 -6.33 4.01
C ASP D 336 -25.32 -7.12 2.72
N GLY D 337 -24.14 -7.65 2.42
CA GLY D 337 -23.98 -8.58 1.31
C GLY D 337 -23.79 -7.92 -0.03
N MET D 338 -23.36 -6.66 -0.07
CA MET D 338 -23.24 -5.97 -1.34
C MET D 338 -22.01 -6.41 -2.12
N ALA D 339 -20.84 -6.36 -1.50
CA ALA D 339 -19.58 -6.54 -2.18
C ALA D 339 -18.69 -7.51 -1.42
N VAL D 340 -17.64 -7.97 -2.09
CA VAL D 340 -16.64 -8.86 -1.50
C VAL D 340 -15.25 -8.30 -1.79
N ALA D 341 -14.51 -7.99 -0.73
CA ALA D 341 -13.22 -7.31 -0.87
C ALA D 341 -12.09 -8.31 -0.62
N THR D 342 -11.20 -8.44 -1.60
CA THR D 342 -10.09 -9.39 -1.57
C THR D 342 -8.78 -8.64 -1.49
N GLY D 343 -8.00 -8.90 -0.43
CA GLY D 343 -6.70 -8.31 -0.22
C GLY D 343 -5.59 -9.29 -0.39
N SER D 344 -4.70 -8.97 -1.33
CA SER D 344 -3.67 -9.88 -1.76
C SER D 344 -2.30 -9.43 -1.28
N TRP D 345 -1.27 -10.13 -1.73
CA TRP D 345 0.12 -9.76 -1.46
C TRP D 345 0.67 -8.75 -2.43
N ASP D 346 -0.08 -8.36 -3.47
CA ASP D 346 0.35 -7.31 -4.37
C ASP D 346 0.13 -5.91 -3.80
N SER D 347 -0.24 -5.81 -2.51
CA SER D 347 -0.54 -4.60 -1.75
C SER D 347 -1.82 -3.93 -2.22
N PHE D 348 -2.68 -4.67 -2.92
CA PHE D 348 -3.95 -4.12 -3.38
C PHE D 348 -5.10 -4.90 -2.76
N LEU D 349 -6.09 -4.15 -2.33
CA LEU D 349 -7.33 -4.70 -1.83
C LEU D 349 -8.33 -4.25 -2.87
N LYS D 350 -8.88 -5.20 -3.61
CA LYS D 350 -9.83 -4.91 -4.66
C LYS D 350 -11.23 -5.34 -4.21
N ILE D 351 -12.19 -4.44 -4.40
CA ILE D 351 -13.56 -4.63 -3.94
C ILE D 351 -14.37 -5.11 -5.14
N TRP D 352 -14.59 -6.41 -5.22
CA TRP D 352 -15.36 -7.02 -6.29
C TRP D 352 -16.85 -6.93 -5.97
N ASN D 353 -17.65 -6.90 -7.03
CA ASN D 353 -19.10 -6.74 -6.90
C ASN D 353 -19.77 -7.16 -8.21
N ILE E 8 0.78 -38.06 30.67
CA ILE E 8 -0.30 -39.02 30.48
C ILE E 8 -1.65 -38.36 30.74
N ALA E 9 -1.62 -37.10 31.16
CA ALA E 9 -2.87 -36.37 31.38
C ALA E 9 -3.51 -35.95 30.07
N GLN E 10 -2.71 -35.79 29.00
CA GLN E 10 -3.22 -35.41 27.70
C GLN E 10 -4.12 -36.51 27.12
N ALA E 11 -3.74 -37.77 27.33
CA ALA E 11 -4.57 -38.88 26.87
C ALA E 11 -5.88 -38.95 27.64
N ARG E 12 -5.85 -38.66 28.94
CA ARG E 12 -7.07 -38.67 29.74
C ARG E 12 -7.98 -37.51 29.35
N LYS E 13 -7.40 -36.36 29.02
CA LYS E 13 -8.21 -35.25 28.52
C LYS E 13 -8.79 -35.56 27.14
N LEU E 14 -8.05 -36.29 26.30
CA LEU E 14 -8.58 -36.67 25.00
C LEU E 14 -9.73 -37.67 25.13
N VAL E 15 -9.62 -38.60 26.09
CA VAL E 15 -10.70 -39.55 26.34
C VAL E 15 -11.92 -38.84 26.91
N GLN E 16 -11.70 -37.86 27.80
CA GLN E 16 -12.80 -37.06 28.35
C GLN E 16 -13.48 -36.24 27.27
N GLN E 17 -12.70 -35.68 26.33
CA GLN E 17 -13.27 -34.91 25.24
C GLN E 17 -14.06 -35.81 24.29
N LEU E 18 -13.56 -37.02 24.01
CA LEU E 18 -14.30 -37.94 23.15
C LEU E 18 -15.57 -38.44 23.82
N LYS E 19 -15.54 -38.63 25.14
CA LYS E 19 -16.75 -39.05 25.85
C LYS E 19 -17.76 -37.92 25.92
N MET E 20 -17.29 -36.67 26.01
CA MET E 20 -18.20 -35.53 25.98
C MET E 20 -18.76 -35.31 24.59
N GLU E 21 -17.98 -35.60 23.55
CA GLU E 21 -18.40 -35.44 22.17
C GLU E 21 -19.25 -36.60 21.68
N ALA E 22 -19.26 -37.72 22.42
CA ALA E 22 -20.01 -38.90 21.99
C ALA E 22 -21.52 -38.67 22.10
N ASN E 23 -21.99 -38.23 23.27
CA ASN E 23 -23.42 -38.08 23.53
C ASN E 23 -23.94 -36.72 23.02
N ILE E 24 -23.85 -36.54 21.71
CA ILE E 24 -24.39 -35.37 21.02
C ILE E 24 -25.45 -35.86 20.05
N ASP E 25 -26.54 -35.09 19.93
CA ASP E 25 -27.68 -35.48 19.09
C ASP E 25 -27.27 -35.46 17.61
N ARG E 26 -27.21 -36.64 17.01
CA ARG E 26 -26.96 -36.77 15.58
C ARG E 26 -28.30 -36.67 14.86
N ILE E 27 -28.44 -35.66 14.01
CA ILE E 27 -29.66 -35.46 13.25
C ILE E 27 -29.45 -36.07 11.87
N LYS E 28 -30.57 -36.35 11.18
CA LYS E 28 -30.53 -36.88 9.83
C LYS E 28 -29.88 -35.90 8.87
N VAL E 29 -29.02 -36.43 8.00
CA VAL E 29 -28.29 -35.60 7.04
C VAL E 29 -29.23 -35.06 5.97
N SER E 30 -30.23 -35.85 5.57
CA SER E 30 -31.23 -35.40 4.62
C SER E 30 -32.06 -34.24 5.18
N LYS E 31 -32.49 -34.35 6.44
CA LYS E 31 -33.29 -33.30 7.06
C LYS E 31 -32.46 -32.04 7.30
N ALA E 32 -31.20 -32.21 7.71
CA ALA E 32 -30.35 -31.06 7.97
C ALA E 32 -29.96 -30.34 6.68
N ALA E 33 -29.68 -31.11 5.62
CA ALA E 33 -29.41 -30.51 4.32
C ALA E 33 -30.65 -29.88 3.72
N ALA E 34 -31.83 -30.42 4.03
CA ALA E 34 -33.09 -29.80 3.61
C ALA E 34 -33.30 -28.47 4.31
N ASP E 35 -32.98 -28.39 5.61
CA ASP E 35 -33.05 -27.11 6.31
C ASP E 35 -31.99 -26.14 5.82
N LEU E 36 -30.84 -26.65 5.41
CA LEU E 36 -29.77 -25.81 4.85
C LEU E 36 -30.21 -25.18 3.54
N MET E 37 -30.76 -25.98 2.63
CA MET E 37 -31.23 -25.43 1.36
C MET E 37 -32.52 -24.62 1.53
N ALA E 38 -33.29 -24.87 2.58
CA ALA E 38 -34.45 -24.03 2.87
C ALA E 38 -34.02 -22.64 3.33
N TYR E 39 -33.00 -22.56 4.20
CA TYR E 39 -32.43 -21.27 4.57
C TYR E 39 -31.76 -20.60 3.38
N CYS E 40 -31.21 -21.40 2.47
CA CYS E 40 -30.56 -20.84 1.28
C CYS E 40 -31.59 -20.22 0.33
N GLU E 41 -32.70 -20.91 0.07
CA GLU E 41 -33.70 -20.40 -0.86
C GLU E 41 -34.59 -19.34 -0.24
N ALA E 42 -34.72 -19.32 1.10
CA ALA E 42 -35.57 -18.34 1.75
C ALA E 42 -35.01 -16.92 1.63
N HIS E 43 -33.68 -16.80 1.57
CA HIS E 43 -33.03 -15.51 1.49
C HIS E 43 -32.41 -15.25 0.12
N ALA E 44 -32.88 -15.97 -0.91
CA ALA E 44 -32.25 -15.88 -2.23
C ALA E 44 -32.50 -14.53 -2.90
N LYS E 45 -33.63 -13.89 -2.60
CA LYS E 45 -33.91 -12.57 -3.16
C LYS E 45 -32.99 -11.51 -2.56
N GLU E 46 -32.66 -11.64 -1.28
CA GLU E 46 -31.82 -10.68 -0.58
C GLU E 46 -30.34 -11.10 -0.64
N ASP E 47 -29.87 -11.29 -1.87
CA ASP E 47 -28.46 -11.64 -2.11
C ASP E 47 -27.99 -10.87 -3.34
N PRO E 48 -27.26 -9.77 -3.14
CA PRO E 48 -26.78 -8.97 -4.29
C PRO E 48 -25.69 -9.64 -5.12
N LEU E 49 -25.12 -10.77 -4.70
CA LEU E 49 -24.12 -11.46 -5.51
C LEU E 49 -24.73 -12.49 -6.45
N LEU E 50 -25.88 -13.07 -6.08
CA LEU E 50 -26.59 -13.94 -7.02
C LEU E 50 -27.23 -13.11 -8.13
N THR E 51 -28.16 -12.24 -7.75
CA THR E 51 -28.85 -11.39 -8.71
C THR E 51 -28.12 -10.05 -8.78
N PRO E 52 -27.63 -9.63 -9.94
CA PRO E 52 -26.90 -8.36 -10.04
C PRO E 52 -27.81 -7.16 -9.78
N VAL E 53 -27.50 -6.43 -8.72
CA VAL E 53 -28.28 -5.25 -8.32
C VAL E 53 -28.11 -4.15 -9.37
N PRO E 54 -29.18 -3.46 -9.76
CA PRO E 54 -29.03 -2.32 -10.68
C PRO E 54 -28.27 -1.17 -10.04
N ALA E 55 -27.66 -0.35 -10.90
CA ALA E 55 -26.75 0.71 -10.46
C ALA E 55 -27.45 1.81 -9.68
N SER E 56 -28.76 1.96 -9.83
CA SER E 56 -29.49 2.94 -9.02
C SER E 56 -29.55 2.51 -7.56
N GLN E 57 -29.68 1.21 -7.31
CA GLN E 57 -29.75 0.68 -5.95
C GLN E 57 -28.40 0.25 -5.42
N ASN E 58 -27.37 0.24 -6.27
CA ASN E 58 -26.03 -0.21 -5.92
C ASN E 58 -25.18 0.99 -5.51
N PRO E 59 -24.57 0.99 -4.32
CA PRO E 59 -23.65 2.08 -3.96
C PRO E 59 -22.27 1.96 -4.59
N PHE E 60 -21.99 0.88 -5.31
CA PHE E 60 -20.74 0.72 -6.05
C PHE E 60 -21.03 0.97 -7.53
N ARG E 61 -20.46 2.05 -8.07
CA ARG E 61 -20.62 2.38 -9.47
C ARG E 61 -19.28 2.77 -10.10
N VAL F 1 -9.17 18.21 26.39
CA VAL F 1 -8.96 19.10 25.26
C VAL F 1 -9.13 20.55 25.70
N GLN F 2 -8.35 21.45 25.10
CA GLN F 2 -8.33 22.83 25.54
C GLN F 2 -7.98 23.75 24.37
N LEU F 3 -8.81 24.76 24.14
CA LEU F 3 -8.56 25.79 23.15
C LEU F 3 -8.62 27.14 23.83
N VAL F 4 -7.51 27.86 23.86
CA VAL F 4 -7.41 29.14 24.56
C VAL F 4 -7.08 30.23 23.55
N GLU F 5 -7.96 31.22 23.43
CA GLU F 5 -7.74 32.33 22.53
C GLU F 5 -7.03 33.47 23.26
N SER F 6 -6.30 34.28 22.48
CA SER F 6 -5.57 35.40 23.06
C SER F 6 -5.34 36.45 21.98
N GLY F 7 -5.41 37.72 22.38
CA GLY F 7 -5.24 38.84 21.48
C GLY F 7 -6.41 39.78 21.39
N GLY F 8 -7.46 39.61 22.18
CA GLY F 8 -8.61 40.49 22.13
C GLY F 8 -8.39 41.77 22.92
N GLY F 9 -9.47 42.56 22.99
CA GLY F 9 -9.46 43.83 23.69
C GLY F 9 -10.02 44.92 22.82
N LEU F 10 -9.72 46.17 23.21
CA LEU F 10 -10.13 47.34 22.44
C LEU F 10 -9.14 47.57 21.31
N VAL F 11 -9.63 47.53 20.07
CA VAL F 11 -8.81 47.72 18.88
C VAL F 11 -9.31 48.96 18.15
N GLN F 12 -8.38 49.83 17.74
CA GLN F 12 -8.74 50.99 16.95
C GLN F 12 -9.19 50.56 15.56
N PRO F 13 -10.18 51.23 14.97
CA PRO F 13 -10.66 50.85 13.63
C PRO F 13 -9.62 51.14 12.56
N GLY F 14 -9.33 50.13 11.75
CA GLY F 14 -8.28 50.20 10.75
C GLY F 14 -6.99 49.55 11.18
N GLY F 15 -6.83 49.23 12.47
CA GLY F 15 -5.60 48.64 12.95
C GLY F 15 -5.52 47.15 12.67
N SER F 16 -4.31 46.61 12.88
CA SER F 16 -4.02 45.20 12.68
C SER F 16 -3.92 44.51 14.03
N ARG F 17 -4.26 43.21 14.04
CA ARG F 17 -4.23 42.45 15.28
C ARG F 17 -4.09 40.97 14.96
N LYS F 18 -3.23 40.28 15.70
CA LYS F 18 -3.06 38.84 15.56
C LYS F 18 -3.73 38.12 16.74
N LEU F 19 -4.53 37.11 16.42
CA LEU F 19 -5.15 36.25 17.42
C LEU F 19 -4.44 34.91 17.46
N SER F 20 -4.14 34.44 18.66
CA SER F 20 -3.45 33.16 18.88
C SER F 20 -4.41 32.20 19.57
N CYS F 21 -4.71 31.10 18.90
CA CYS F 21 -5.52 30.01 19.44
C CYS F 21 -4.57 28.89 19.84
N SER F 22 -4.23 28.85 21.13
CA SER F 22 -3.36 27.82 21.69
C SER F 22 -4.18 26.55 21.92
N ALA F 23 -3.82 25.49 21.20
CA ALA F 23 -4.47 24.19 21.32
C ALA F 23 -3.65 23.28 22.23
N SER F 24 -4.34 22.49 23.04
CA SER F 24 -3.67 21.59 23.96
C SER F 24 -4.52 20.35 24.20
N GLY F 25 -3.88 19.19 24.17
CA GLY F 25 -4.53 17.96 24.55
C GLY F 25 -5.22 17.20 23.45
N PHE F 26 -4.81 17.37 22.20
CA PHE F 26 -5.30 16.57 21.07
C PHE F 26 -4.31 16.70 19.91
N ALA F 27 -4.44 15.77 18.96
CA ALA F 27 -3.59 15.76 17.78
C ALA F 27 -3.98 16.91 16.85
N PHE F 28 -3.31 18.04 17.01
CA PHE F 28 -3.73 19.30 16.39
C PHE F 28 -3.59 19.28 14.87
N SER F 29 -2.55 18.63 14.35
CA SER F 29 -2.28 18.65 12.92
C SER F 29 -3.30 17.87 12.10
N SER F 30 -4.12 17.02 12.74
CA SER F 30 -5.15 16.26 12.06
C SER F 30 -6.54 16.88 12.21
N PHE F 31 -6.64 18.14 12.62
CA PHE F 31 -7.91 18.81 12.77
C PHE F 31 -7.96 20.06 11.91
N GLY F 32 -8.99 20.15 11.07
CA GLY F 32 -9.33 21.41 10.46
C GLY F 32 -9.82 22.40 11.50
N MET F 33 -9.53 23.67 11.27
CA MET F 33 -9.79 24.71 12.25
C MET F 33 -10.65 25.82 11.66
N HIS F 34 -11.62 26.26 12.45
CA HIS F 34 -12.57 27.30 12.07
C HIS F 34 -12.43 28.49 13.01
N TRP F 35 -12.81 29.66 12.51
CA TRP F 35 -13.14 30.80 13.35
C TRP F 35 -14.62 31.12 13.16
N VAL F 36 -15.33 31.31 14.28
CA VAL F 36 -16.74 31.64 14.25
C VAL F 36 -16.95 32.88 15.10
N ARG F 37 -17.41 33.96 14.50
CA ARG F 37 -17.69 35.15 15.27
C ARG F 37 -19.08 35.09 15.89
N GLN F 38 -19.28 35.93 16.91
CA GLN F 38 -20.60 36.13 17.49
C GLN F 38 -20.69 37.57 17.96
N ALA F 39 -21.48 38.37 17.27
CA ALA F 39 -21.72 39.74 17.68
C ALA F 39 -22.55 39.77 18.97
N PRO F 40 -22.44 40.82 19.78
CA PRO F 40 -23.25 40.92 21.01
C PRO F 40 -24.74 40.94 20.73
N GLU F 41 -25.45 39.98 21.33
CA GLU F 41 -26.89 39.75 21.16
C GLU F 41 -27.26 39.53 19.71
N LYS F 42 -26.43 38.78 18.98
CA LYS F 42 -26.71 38.39 17.60
C LYS F 42 -26.26 36.95 17.41
N GLY F 43 -26.64 36.38 16.27
CA GLY F 43 -26.32 35.01 15.97
C GLY F 43 -24.87 34.79 15.63
N LEU F 44 -24.49 33.51 15.56
CA LEU F 44 -23.16 33.11 15.14
C LEU F 44 -22.95 33.40 13.66
N GLU F 45 -21.69 33.52 13.27
CA GLU F 45 -21.32 33.70 11.89
C GLU F 45 -19.91 33.15 11.67
N TRP F 46 -19.74 32.40 10.59
CA TRP F 46 -18.45 31.81 10.26
C TRP F 46 -17.47 32.90 9.79
N VAL F 47 -16.17 32.65 10.01
CA VAL F 47 -15.15 33.57 9.53
C VAL F 47 -14.23 32.89 8.52
N ALA F 48 -13.50 31.86 8.96
CA ALA F 48 -12.45 31.29 8.13
C ALA F 48 -12.19 29.84 8.55
N TYR F 49 -11.42 29.15 7.71
CA TYR F 49 -11.16 27.72 7.88
C TYR F 49 -9.82 27.34 7.27
N ILE F 50 -9.13 26.40 7.92
CA ILE F 50 -7.94 25.75 7.40
C ILE F 50 -8.14 24.24 7.49
N SER F 51 -7.97 23.55 6.36
CA SER F 51 -8.01 22.10 6.32
C SER F 51 -6.81 21.50 7.04
N SER F 52 -6.97 20.25 7.48
CA SER F 52 -5.91 19.51 8.17
C SER F 52 -4.66 19.40 7.30
N GLY F 53 -3.55 19.92 7.81
CA GLY F 53 -2.32 19.96 7.07
C GLY F 53 -2.11 21.20 6.24
N SER F 54 -2.89 22.26 6.50
CA SER F 54 -2.75 23.59 5.89
C SER F 54 -2.95 23.56 4.37
N GLY F 55 -3.80 22.65 3.90
CA GLY F 55 -3.97 22.45 2.47
C GLY F 55 -4.96 23.38 1.79
N THR F 56 -6.16 23.50 2.34
CA THR F 56 -7.28 24.16 1.66
C THR F 56 -7.88 25.21 2.58
N ILE F 57 -7.52 26.46 2.37
CA ILE F 57 -7.97 27.59 3.16
C ILE F 57 -9.31 28.08 2.61
N TYR F 58 -10.17 28.61 3.49
CA TYR F 58 -11.41 29.24 3.07
C TYR F 58 -11.71 30.44 3.96
N TYR F 59 -12.54 31.33 3.43
CA TYR F 59 -12.97 32.54 4.11
C TYR F 59 -14.43 32.80 3.77
N ALA F 60 -15.08 33.57 4.64
CA ALA F 60 -16.44 34.03 4.33
C ALA F 60 -16.39 35.10 3.24
N ASP F 61 -17.44 35.13 2.42
CA ASP F 61 -17.50 36.02 1.26
C ASP F 61 -17.51 37.49 1.66
N THR F 62 -18.05 37.80 2.84
CA THR F 62 -18.18 39.19 3.27
C THR F 62 -16.94 39.74 3.94
N VAL F 63 -15.99 38.88 4.31
CA VAL F 63 -14.79 39.32 5.03
C VAL F 63 -13.54 38.86 4.30
N LYS F 64 -13.68 38.56 3.01
CA LYS F 64 -12.56 38.04 2.23
C LYS F 64 -11.52 39.13 1.97
N GLY F 65 -10.25 38.82 2.20
CA GLY F 65 -9.16 39.72 1.92
C GLY F 65 -8.55 40.37 3.16
N ARG F 66 -9.40 40.80 4.08
CA ARG F 66 -8.90 41.46 5.30
C ARG F 66 -8.33 40.48 6.30
N PHE F 67 -8.82 39.24 6.31
CA PHE F 67 -8.43 38.23 7.28
C PHE F 67 -7.44 37.28 6.64
N THR F 68 -6.32 37.03 7.32
CA THR F 68 -5.32 36.07 6.88
C THR F 68 -5.15 35.02 7.97
N ILE F 69 -5.56 33.79 7.70
CA ILE F 69 -5.50 32.72 8.68
C ILE F 69 -4.29 31.83 8.37
N SER F 70 -3.60 31.39 9.42
CA SER F 70 -2.44 30.52 9.25
C SER F 70 -2.37 29.56 10.42
N ARG F 71 -1.64 28.47 10.23
CA ARG F 71 -1.55 27.40 11.22
C ARG F 71 -0.09 27.09 11.52
N ASP F 72 0.23 26.93 12.80
CA ASP F 72 1.57 26.54 13.25
C ASP F 72 1.44 25.17 13.90
N ASP F 73 1.90 24.14 13.21
CA ASP F 73 1.79 22.74 13.63
C ASP F 73 2.75 22.29 14.73
N PRO F 74 4.06 22.63 14.73
CA PRO F 74 4.88 22.23 15.88
C PRO F 74 4.49 22.91 17.18
N LYS F 75 4.13 24.19 17.15
CA LYS F 75 3.73 24.91 18.34
C LYS F 75 2.26 24.73 18.69
N ASN F 76 1.47 24.12 17.78
CA ASN F 76 0.05 23.81 17.96
C ASN F 76 -0.77 25.08 18.22
N THR F 77 -0.67 26.04 17.29
CA THR F 77 -1.32 27.33 17.49
C THR F 77 -1.91 27.83 16.18
N LEU F 78 -3.15 28.29 16.24
CA LEU F 78 -3.83 28.86 15.08
C LEU F 78 -3.72 30.38 15.12
N PHE F 79 -3.16 30.98 14.08
CA PHE F 79 -2.97 32.42 13.98
C PHE F 79 -4.04 33.02 13.08
N LEU F 80 -4.62 34.13 13.52
CA LEU F 80 -5.57 34.90 12.71
C LEU F 80 -5.09 36.35 12.66
N GLN F 81 -4.45 36.73 11.56
CA GLN F 81 -4.01 38.10 11.34
C GLN F 81 -5.14 38.91 10.73
N MET F 82 -5.34 40.12 11.25
CA MET F 82 -6.46 40.97 10.86
C MET F 82 -5.96 42.36 10.52
N THR F 83 -6.41 42.88 9.38
CA THR F 83 -6.05 44.22 8.94
C THR F 83 -7.31 44.90 8.40
N SER F 84 -7.30 46.25 8.50
CA SER F 84 -8.41 47.11 8.08
C SER F 84 -9.71 46.75 8.80
N LEU F 85 -9.64 46.68 10.13
CA LEU F 85 -10.78 46.28 10.93
C LEU F 85 -11.84 47.37 10.96
N ARG F 86 -13.08 47.00 10.69
CA ARG F 86 -14.21 47.91 10.64
C ARG F 86 -15.01 47.79 11.94
N SER F 87 -16.08 48.57 12.03
CA SER F 87 -16.94 48.58 13.21
C SER F 87 -17.89 47.38 13.27
N GLU F 88 -17.89 46.52 12.26
CA GLU F 88 -18.72 45.33 12.24
C GLU F 88 -18.04 44.13 12.90
N ASP F 89 -16.75 44.24 13.20
CA ASP F 89 -15.95 43.12 13.67
C ASP F 89 -15.88 43.01 15.19
N THR F 90 -16.59 43.87 15.92
CA THR F 90 -16.60 43.80 17.39
C THR F 90 -17.45 42.62 17.84
N ALA F 91 -16.80 41.53 18.26
CA ALA F 91 -17.48 40.28 18.49
C ALA F 91 -16.63 39.37 19.37
N MET F 92 -17.25 38.30 19.84
CA MET F 92 -16.54 37.19 20.46
C MET F 92 -16.14 36.21 19.38
N TYR F 93 -14.84 35.94 19.27
CA TYR F 93 -14.30 35.06 18.25
C TYR F 93 -13.99 33.71 18.87
N TYR F 94 -14.65 32.67 18.38
CA TYR F 94 -14.45 31.30 18.83
C TYR F 94 -13.54 30.56 17.86
N CYS F 95 -12.55 29.86 18.42
CA CYS F 95 -11.65 28.99 17.67
C CYS F 95 -12.21 27.57 17.75
N VAL F 96 -12.72 27.07 16.63
CA VAL F 96 -13.47 25.81 16.60
C VAL F 96 -12.61 24.72 16.02
N ARG F 97 -12.66 23.54 16.64
CA ARG F 97 -12.02 22.33 16.15
C ARG F 97 -13.01 21.54 15.30
N SER F 98 -12.53 20.97 14.20
CA SER F 98 -13.37 20.09 13.39
C SER F 98 -12.50 19.05 12.71
N ILE F 99 -13.12 17.92 12.35
CA ILE F 99 -12.42 16.84 11.67
C ILE F 99 -13.36 16.23 10.64
N TYR F 100 -12.82 15.92 9.46
CA TYR F 100 -13.63 15.48 8.33
C TYR F 100 -13.17 14.11 7.85
N TYR F 101 -13.91 13.08 8.24
CA TYR F 101 -13.87 11.77 7.62
C TYR F 101 -15.27 11.17 7.74
N TYR F 102 -15.45 9.97 7.21
CA TYR F 102 -16.73 9.30 7.31
C TYR F 102 -17.06 8.96 8.76
N GLY F 103 -18.19 9.46 9.24
CA GLY F 103 -18.59 9.23 10.61
C GLY F 103 -17.97 10.16 11.61
N SER F 104 -17.15 11.12 11.15
CA SER F 104 -16.56 12.10 12.04
C SER F 104 -17.60 13.09 12.50
N SER F 105 -17.39 13.64 13.70
CA SER F 105 -18.25 14.68 14.27
C SER F 105 -17.53 16.03 14.26
N PRO F 106 -17.58 16.79 13.16
CA PRO F 106 -16.90 18.08 13.14
C PRO F 106 -17.64 19.09 14.00
N PHE F 107 -16.95 20.19 14.31
CA PHE F 107 -17.44 21.27 15.18
C PHE F 107 -17.75 20.75 16.57
N ASP F 108 -16.95 19.78 17.04
CA ASP F 108 -17.25 19.10 18.29
C ASP F 108 -16.85 19.95 19.50
N PHE F 109 -15.66 20.52 19.48
CA PHE F 109 -15.13 21.25 20.63
C PHE F 109 -14.85 22.69 20.21
N TRP F 110 -15.43 23.62 20.97
CA TRP F 110 -15.36 25.05 20.72
C TRP F 110 -14.48 25.70 21.78
N GLY F 111 -13.62 26.62 21.36
CA GLY F 111 -12.86 27.43 22.30
C GLY F 111 -13.74 28.31 23.17
N GLN F 112 -13.12 28.87 24.21
CA GLN F 112 -13.83 29.77 25.10
C GLN F 112 -14.19 31.08 24.40
N GLY F 113 -13.30 31.57 23.55
CA GLY F 113 -13.55 32.75 22.75
C GLY F 113 -12.79 33.96 23.27
N THR F 114 -12.63 34.94 22.39
CA THR F 114 -11.95 36.18 22.77
C THR F 114 -12.82 37.36 22.36
N THR F 115 -12.97 38.32 23.26
CA THR F 115 -13.79 39.51 23.02
C THR F 115 -12.93 40.56 22.34
N LEU F 116 -13.35 41.03 21.18
CA LEU F 116 -12.64 42.06 20.44
C LEU F 116 -13.61 43.18 20.13
N THR F 117 -13.44 44.32 20.81
CA THR F 117 -14.30 45.48 20.64
C THR F 117 -13.59 46.54 19.81
N VAL F 118 -14.25 47.00 18.76
CA VAL F 118 -13.71 48.03 17.87
C VAL F 118 -14.46 49.32 18.15
N SER F 119 -13.72 50.33 18.61
CA SER F 119 -14.31 51.64 18.89
C SER F 119 -14.59 52.37 17.57
N SER F 120 -15.39 53.43 17.69
CA SER F 120 -15.75 54.25 16.53
C SER F 120 -16.17 55.64 16.98
N SER F 136 -26.55 34.55 -2.80
CA SER F 136 -26.05 33.30 -3.34
C SER F 136 -25.76 32.30 -2.23
N ASP F 137 -25.65 32.79 -1.00
CA ASP F 137 -25.38 31.94 0.14
C ASP F 137 -26.64 31.19 0.55
N ILE F 138 -26.43 30.05 1.21
CA ILE F 138 -27.54 29.23 1.71
C ILE F 138 -28.08 29.89 2.97
N VAL F 139 -29.21 30.55 2.86
CA VAL F 139 -29.81 31.27 3.98
C VAL F 139 -30.49 30.26 4.91
N MET F 140 -30.14 30.31 6.19
CA MET F 140 -30.71 29.42 7.20
C MET F 140 -31.73 30.23 8.01
N THR F 141 -32.98 30.18 7.56
CA THR F 141 -34.05 30.95 8.19
C THR F 141 -34.43 30.31 9.52
N GLN F 142 -34.02 30.93 10.62
CA GLN F 142 -34.45 30.53 11.96
C GLN F 142 -35.63 31.42 12.33
N ALA F 143 -36.84 30.96 12.03
CA ALA F 143 -38.02 31.79 12.14
C ALA F 143 -38.42 32.07 13.59
N THR F 144 -38.08 31.16 14.51
CA THR F 144 -38.42 31.32 15.91
C THR F 144 -37.33 32.11 16.63
N SER F 145 -37.72 33.14 17.38
CA SER F 145 -36.79 33.93 18.15
C SER F 145 -36.62 33.38 19.57
N SER F 146 -37.73 33.25 20.30
CA SER F 146 -37.69 32.73 21.67
C SER F 146 -39.06 32.17 22.03
N VAL F 147 -39.07 31.03 22.71
CA VAL F 147 -40.29 30.42 23.24
C VAL F 147 -40.02 30.04 24.69
N PRO F 148 -40.72 30.62 25.67
CA PRO F 148 -40.56 30.18 27.06
C PRO F 148 -41.26 28.85 27.29
N VAL F 149 -40.50 27.84 27.73
CA VAL F 149 -41.00 26.50 27.95
C VAL F 149 -40.73 26.11 29.40
N THR F 150 -41.74 25.56 30.06
CA THR F 150 -41.57 25.02 31.40
C THR F 150 -40.71 23.76 31.31
N PRO F 151 -39.70 23.60 32.19
CA PRO F 151 -38.89 22.38 32.19
C PRO F 151 -39.72 21.13 32.48
N GLY F 152 -39.33 20.03 31.82
CA GLY F 152 -40.11 18.81 31.86
C GLY F 152 -41.11 18.68 30.74
N GLU F 153 -40.90 19.37 29.62
CA GLU F 153 -41.82 19.38 28.50
C GLU F 153 -41.04 19.18 27.21
N SER F 154 -41.66 18.50 26.25
CA SER F 154 -41.03 18.30 24.95
C SER F 154 -41.01 19.59 24.16
N VAL F 155 -39.85 19.93 23.60
CA VAL F 155 -39.65 21.19 22.89
C VAL F 155 -39.36 20.86 21.43
N SER F 156 -39.91 21.66 20.51
CA SER F 156 -39.67 21.48 19.09
C SER F 156 -39.14 22.79 18.51
N ILE F 157 -37.95 22.72 17.91
CA ILE F 157 -37.34 23.86 17.22
C ILE F 157 -37.28 23.54 15.73
N SER F 158 -37.90 24.39 14.92
CA SER F 158 -37.89 24.22 13.48
C SER F 158 -36.69 24.92 12.86
N CYS F 159 -36.35 24.52 11.64
CA CYS F 159 -35.27 25.15 10.90
C CYS F 159 -35.61 25.10 9.42
N ARG F 160 -35.74 26.28 8.82
CA ARG F 160 -35.99 26.46 7.40
C ARG F 160 -34.68 26.71 6.69
N SER F 161 -34.42 25.98 5.61
CA SER F 161 -33.23 26.21 4.81
C SER F 161 -33.62 26.59 3.39
N SER F 162 -32.80 27.42 2.76
CA SER F 162 -33.09 27.91 1.42
C SER F 162 -32.77 26.87 0.36
N LYS F 163 -31.71 26.10 0.55
CA LYS F 163 -31.28 25.08 -0.40
C LYS F 163 -31.50 23.71 0.20
N SER F 164 -31.83 22.74 -0.66
CA SER F 164 -31.98 21.35 -0.23
C SER F 164 -30.62 20.79 0.17
N LEU F 165 -30.45 20.49 1.45
CA LEU F 165 -29.17 20.05 1.99
C LEU F 165 -28.95 18.55 1.82
N LEU F 166 -29.98 17.81 1.40
CA LEU F 166 -29.84 16.39 1.08
C LEU F 166 -28.94 16.24 -0.14
N HIS F 167 -27.70 15.79 0.10
CA HIS F 167 -26.74 15.61 -0.97
C HIS F 167 -26.98 14.25 -1.63
N SER F 168 -26.33 14.05 -2.78
CA SER F 168 -26.55 12.83 -3.57
C SER F 168 -26.03 11.59 -2.87
N ASN F 169 -25.02 11.72 -2.01
CA ASN F 169 -24.46 10.57 -1.31
C ASN F 169 -25.30 10.12 -0.12
N GLY F 170 -26.21 10.98 0.37
CA GLY F 170 -27.20 10.55 1.33
C GLY F 170 -27.26 11.34 2.62
N ASN F 171 -26.10 11.69 3.18
CA ASN F 171 -26.07 12.37 4.47
C ASN F 171 -26.43 13.84 4.32
N THR F 172 -27.50 14.26 4.97
CA THR F 172 -27.96 15.64 4.90
C THR F 172 -27.18 16.47 5.92
N TYR F 173 -26.48 17.50 5.45
CA TYR F 173 -25.47 18.17 6.25
C TYR F 173 -26.11 19.33 7.01
N LEU F 174 -26.38 19.12 8.31
CA LEU F 174 -26.91 20.18 9.15
C LEU F 174 -26.58 19.86 10.60
N TYR F 175 -26.03 20.86 11.30
CA TYR F 175 -25.47 20.70 12.64
C TYR F 175 -26.27 21.59 13.60
N TRP F 176 -26.83 20.97 14.63
CA TRP F 176 -27.47 21.71 15.72
C TRP F 176 -26.47 21.96 16.83
N PHE F 177 -26.42 23.20 17.32
CA PHE F 177 -25.58 23.61 18.43
C PHE F 177 -26.43 24.20 19.54
N LEU F 178 -25.96 24.03 20.78
CA LEU F 178 -26.53 24.71 21.94
C LEU F 178 -25.48 25.62 22.57
N GLN F 179 -25.83 26.89 22.75
CA GLN F 179 -25.00 27.84 23.48
C GLN F 179 -25.70 28.22 24.78
N ARG F 180 -25.00 28.05 25.88
CA ARG F 180 -25.51 28.39 27.19
C ARG F 180 -25.13 29.83 27.54
N PRO F 181 -25.94 30.49 28.39
CA PRO F 181 -25.59 31.86 28.83
C PRO F 181 -24.30 31.88 29.65
N GLY F 182 -23.31 32.61 29.14
CA GLY F 182 -22.01 32.68 29.78
C GLY F 182 -21.09 31.53 29.45
N GLN F 183 -21.48 30.66 28.53
CA GLN F 183 -20.66 29.51 28.14
C GLN F 183 -20.43 29.53 26.64
N SER F 184 -19.47 28.74 26.21
CA SER F 184 -19.21 28.53 24.80
C SER F 184 -20.25 27.56 24.22
N PRO F 185 -20.62 27.71 22.96
CA PRO F 185 -21.52 26.74 22.34
C PRO F 185 -20.85 25.40 22.14
N GLN F 186 -21.68 24.36 22.03
CA GLN F 186 -21.19 23.00 21.91
C GLN F 186 -22.00 22.27 20.85
N LEU F 187 -21.39 21.24 20.27
CA LEU F 187 -22.07 20.43 19.28
C LEU F 187 -23.18 19.63 19.95
N LEU F 188 -24.42 19.89 19.54
CA LEU F 188 -25.54 19.14 20.06
C LEU F 188 -25.82 17.93 19.20
N ILE F 189 -26.01 18.13 17.89
CA ILE F 189 -26.31 17.07 16.94
C ILE F 189 -25.56 17.36 15.66
N TYR F 190 -24.96 16.33 15.06
CA TYR F 190 -24.31 16.46 13.76
C TYR F 190 -25.01 15.55 12.75
N ARG F 191 -25.33 16.13 11.58
CA ARG F 191 -26.00 15.45 10.46
C ARG F 191 -27.37 14.88 10.83
N MET F 192 -28.03 15.47 11.83
CA MET F 192 -29.45 15.34 12.23
C MET F 192 -29.92 13.95 12.61
N SER F 193 -29.04 12.94 12.55
CA SER F 193 -29.40 11.60 12.97
C SER F 193 -28.35 11.03 13.92
N ASN F 194 -27.37 11.83 14.32
CA ASN F 194 -26.21 11.36 15.06
C ASN F 194 -25.96 12.30 16.23
N LEU F 195 -26.04 11.77 17.44
CA LEU F 195 -25.69 12.53 18.63
C LEU F 195 -24.18 12.60 18.81
N ALA F 196 -23.72 13.73 19.34
CA ALA F 196 -22.30 13.93 19.62
C ALA F 196 -21.89 13.16 20.87
N SER F 197 -20.58 12.98 21.03
CA SER F 197 -20.04 12.28 22.18
C SER F 197 -20.14 13.18 23.41
N GLY F 198 -21.02 12.82 24.34
CA GLY F 198 -21.18 13.55 25.58
C GLY F 198 -22.50 14.28 25.74
N VAL F 199 -23.38 14.21 24.76
CA VAL F 199 -24.70 14.84 24.87
C VAL F 199 -25.66 13.78 25.40
N PRO F 200 -26.59 14.12 26.29
CA PRO F 200 -27.56 13.13 26.74
C PRO F 200 -28.52 12.71 25.64
N GLU F 201 -29.14 11.54 25.86
CA GLU F 201 -29.98 10.89 24.86
C GLU F 201 -31.42 11.42 24.90
N ARG F 202 -31.55 12.72 24.63
CA ARG F 202 -32.85 13.38 24.63
C ARG F 202 -33.08 14.26 23.41
N PHE F 203 -32.13 14.31 22.48
CA PHE F 203 -32.15 15.25 21.37
C PHE F 203 -32.36 14.47 20.07
N SER F 204 -33.58 14.47 19.56
CA SER F 204 -33.90 13.82 18.30
C SER F 204 -33.87 14.83 17.17
N GLY F 205 -33.30 14.42 16.03
CA GLY F 205 -33.32 15.25 14.85
C GLY F 205 -34.10 14.59 13.72
N SER F 206 -34.95 15.36 13.05
CA SER F 206 -35.74 14.83 11.93
C SER F 206 -35.77 15.87 10.82
N GLY F 207 -35.20 15.52 9.66
CA GLY F 207 -35.12 16.47 8.58
C GLY F 207 -35.51 15.90 7.23
N SER F 208 -36.39 16.60 6.53
CA SER F 208 -36.85 16.20 5.21
C SER F 208 -36.66 17.37 4.25
N GLY F 209 -35.75 17.22 3.30
CA GLY F 209 -35.52 18.23 2.29
C GLY F 209 -34.93 19.50 2.87
N THR F 210 -35.78 20.51 2.98
CA THR F 210 -35.40 21.80 3.54
C THR F 210 -36.01 22.06 4.91
N ALA F 211 -36.89 21.19 5.40
CA ALA F 211 -37.48 21.34 6.71
C ALA F 211 -36.70 20.51 7.71
N PHE F 212 -36.37 21.10 8.87
CA PHE F 212 -35.56 20.41 9.86
C PHE F 212 -36.18 20.62 11.24
N THR F 213 -36.12 19.60 12.10
CA THR F 213 -36.79 19.66 13.39
C THR F 213 -35.89 19.08 14.46
N LEU F 214 -35.74 19.83 15.55
CA LEU F 214 -35.08 19.38 16.78
C LEU F 214 -36.13 19.13 17.84
N THR F 215 -36.14 17.91 18.40
CA THR F 215 -37.10 17.50 19.41
C THR F 215 -36.35 17.19 20.71
N ILE F 216 -36.77 17.83 21.80
CA ILE F 216 -36.24 17.56 23.13
C ILE F 216 -37.35 16.87 23.92
N SER F 217 -37.05 15.65 24.38
CA SER F 217 -38.05 14.86 25.10
C SER F 217 -38.32 15.43 26.49
N ARG F 218 -37.26 15.60 27.29
CA ARG F 218 -37.37 16.14 28.63
C ARG F 218 -36.45 17.35 28.74
N LEU F 219 -37.03 18.51 29.03
CA LEU F 219 -36.26 19.72 29.16
C LEU F 219 -35.64 19.82 30.55
N GLU F 220 -34.37 20.23 30.59
CA GLU F 220 -33.64 20.39 31.84
C GLU F 220 -33.17 21.83 31.97
N ALA F 221 -32.58 22.13 33.13
CA ALA F 221 -32.04 23.47 33.35
C ALA F 221 -30.75 23.69 32.57
N GLU F 222 -30.01 22.62 32.28
CA GLU F 222 -28.79 22.75 31.48
C GLU F 222 -29.12 23.01 30.02
N ASP F 223 -30.27 22.54 29.55
CA ASP F 223 -30.66 22.69 28.15
C ASP F 223 -31.16 24.09 27.82
N VAL F 224 -31.31 24.96 28.82
CA VAL F 224 -31.72 26.34 28.59
C VAL F 224 -30.60 27.09 27.87
N GLY F 225 -30.90 27.59 26.68
CA GLY F 225 -29.89 28.30 25.91
C GLY F 225 -30.41 28.63 24.52
N VAL F 226 -29.49 28.99 23.63
CA VAL F 226 -29.81 29.40 22.27
C VAL F 226 -29.36 28.30 21.32
N TYR F 227 -30.26 27.87 20.45
CA TYR F 227 -30.01 26.79 19.51
C TYR F 227 -29.66 27.34 18.14
N TYR F 228 -28.53 26.91 17.59
CA TYR F 228 -28.03 27.39 16.31
C TYR F 228 -28.08 26.27 15.28
N CYS F 229 -28.76 26.54 14.17
CA CYS F 229 -28.92 25.59 13.07
C CYS F 229 -27.95 26.00 11.96
N MET F 230 -26.95 25.15 11.69
CA MET F 230 -25.87 25.52 10.78
C MET F 230 -25.72 24.49 9.68
N GLN F 231 -25.78 24.93 8.43
CA GLN F 231 -25.60 24.04 7.30
C GLN F 231 -24.12 23.89 6.95
N HIS F 232 -23.72 22.70 6.56
CA HIS F 232 -22.35 22.45 6.15
C HIS F 232 -22.33 21.77 4.77
N LEU F 233 -23.07 22.34 3.83
CA LEU F 233 -23.12 21.82 2.47
C LEU F 233 -22.13 22.50 1.54
N GLU F 234 -22.06 23.83 1.59
CA GLU F 234 -21.16 24.60 0.76
C GLU F 234 -20.53 25.70 1.58
N TYR F 235 -19.32 26.10 1.18
CA TYR F 235 -18.75 27.29 1.80
C TYR F 235 -19.27 28.54 1.07
N PRO F 236 -19.58 29.64 1.79
CA PRO F 236 -19.43 29.86 3.24
C PRO F 236 -20.50 29.20 4.12
N LEU F 237 -20.10 28.86 5.34
CA LEU F 237 -20.98 28.24 6.30
C LEU F 237 -21.87 29.31 6.94
N THR F 238 -23.17 29.05 6.98
CA THR F 238 -24.14 30.01 7.49
C THR F 238 -24.84 29.42 8.71
N PHE F 239 -24.95 30.24 9.76
CA PHE F 239 -25.62 29.85 10.99
C PHE F 239 -27.06 30.34 10.98
N GLY F 240 -27.81 29.97 12.02
CA GLY F 240 -29.14 30.47 12.21
C GLY F 240 -29.16 31.71 13.08
N ALA F 241 -30.33 32.35 13.11
CA ALA F 241 -30.53 33.49 14.01
C ALA F 241 -30.53 33.08 15.47
N GLY F 242 -30.98 31.87 15.75
CA GLY F 242 -30.98 31.34 17.10
C GLY F 242 -32.39 31.22 17.66
N THR F 243 -32.57 30.23 18.53
CA THR F 243 -33.83 30.01 19.24
C THR F 243 -33.52 29.94 20.73
N LYS F 244 -33.79 31.03 21.45
CA LYS F 244 -33.51 31.09 22.88
C LYS F 244 -34.63 30.42 23.66
N LEU F 245 -34.27 29.74 24.74
CA LEU F 245 -35.24 29.20 25.67
C LEU F 245 -35.14 29.94 27.00
N GLU F 246 -36.29 30.14 27.65
CA GLU F 246 -36.36 30.81 28.94
C GLU F 246 -37.21 29.96 29.87
N LEU F 247 -36.65 29.59 31.01
CA LEU F 247 -37.36 28.78 31.99
C LEU F 247 -38.14 29.67 32.96
#